data_8RS8
#
_entry.id   8RS8
#
_cell.length_a   36.840
_cell.length_b   173.716
_cell.length_c   74.522
_cell.angle_alpha   90.000
_cell.angle_beta   89.050
_cell.angle_gamma   90.000
#
_symmetry.space_group_name_H-M   'P 1 21 1'
#
loop_
_entity.id
_entity.type
_entity.pdbx_description
1 polymer 'Breast cancer type 1 susceptibility protein'
2 polymer 'Telomere-associated protein RIF1'
3 non-polymer 1,2-ETHANEDIOL
4 non-polymer IMIDAZOLE
5 non-polymer DI(HYDROXYETHYL)ETHER
6 water water
#
loop_
_entity_poly.entity_id
_entity_poly.type
_entity_poly.pdbx_seq_one_letter_code
_entity_poly.pdbx_strand_id
1 'polypeptide(L)'
;GPSVNKRMSMVVSGLTPEEFMLVYKFARKHHITLTNLITEETTHVVMKTDAEFVCERTLKYFLGIAGGKWVVSYFWVTQS
IKERKMLNEHDFEVRGDVVNGRNHQGPKRARESQDRKIFRGLEICCYGPFTNMPTDQLEWMVQLCGASVVKELSSFTLGT
GVHPIVVVQPDAWTEDNGFHAIGQMCEAPVVTREWVLDSVALYQCQELDTYLIPQIP
;
A,B,C,D
2 'polypeptide(L)' SPGSR(SEP)PKFKS E,F,G,H
#
# COMPACT_ATOMS: atom_id res chain seq x y z
N MET A 8 13.12 15.60 -20.13
N MET A 8 13.03 15.59 -20.10
CA MET A 8 14.16 14.82 -19.47
CA MET A 8 14.09 14.74 -19.54
C MET A 8 13.58 14.02 -18.31
C MET A 8 13.65 14.06 -18.25
N SER A 9 14.17 12.85 -18.04
CA SER A 9 13.72 12.04 -16.93
C SER A 9 14.92 11.26 -16.38
N MET A 10 15.12 11.32 -15.06
CA MET A 10 16.31 10.74 -14.47
C MET A 10 15.98 9.78 -13.33
N VAL A 11 16.91 8.83 -13.11
CA VAL A 11 17.00 8.07 -11.89
C VAL A 11 18.37 8.37 -11.28
N VAL A 12 18.50 8.07 -9.99
CA VAL A 12 19.78 8.10 -9.31
C VAL A 12 20.10 6.69 -8.81
N SER A 13 21.39 6.44 -8.60
CA SER A 13 21.83 5.13 -8.13
C SER A 13 23.00 5.32 -7.19
N GLY A 14 22.90 4.69 -6.02
CA GLY A 14 23.94 4.73 -5.02
C GLY A 14 23.92 5.94 -4.11
N LEU A 15 22.85 6.73 -4.15
CA LEU A 15 22.76 7.93 -3.34
C LEU A 15 22.09 7.62 -2.00
N THR A 16 22.48 8.37 -0.99
CA THR A 16 21.80 8.34 0.31
C THR A 16 20.45 9.04 0.19
N PRO A 17 19.57 8.86 1.19
CA PRO A 17 18.31 9.61 1.17
C PRO A 17 18.51 11.11 1.06
N GLU A 18 19.52 11.65 1.74
CA GLU A 18 19.74 13.09 1.70
C GLU A 18 20.19 13.55 0.31
N GLU A 19 21.12 12.80 -0.31
CA GLU A 19 21.52 13.14 -1.68
C GLU A 19 20.33 13.03 -2.63
N PHE A 20 19.50 12.01 -2.44
CA PHE A 20 18.33 11.81 -3.28
C PHE A 20 17.36 13.00 -3.18
N MET A 21 17.15 13.50 -1.96
CA MET A 21 16.25 14.63 -1.79
C MET A 21 16.83 15.91 -2.38
N LEU A 22 18.15 16.07 -2.33
CA LEU A 22 18.76 17.20 -3.05
C LEU A 22 18.53 17.09 -4.55
N VAL A 23 18.69 15.89 -5.12
CA VAL A 23 18.44 15.71 -6.55
C VAL A 23 16.98 16.02 -6.89
N TYR A 24 16.04 15.65 -6.01
CA TYR A 24 14.64 15.98 -6.28
C TYR A 24 14.49 17.48 -6.45
N LYS A 25 15.12 18.27 -5.58
CA LYS A 25 15.01 19.74 -5.69
C LYS A 25 15.65 20.22 -6.98
N PHE A 26 16.82 19.67 -7.31
CA PHE A 26 17.51 20.04 -8.54
C PHE A 26 16.66 19.70 -9.76
N ALA A 27 16.10 18.50 -9.79
CA ALA A 27 15.31 18.08 -10.94
C ALA A 27 14.07 18.94 -11.08
N ARG A 28 13.38 19.20 -9.96
CA ARG A 28 12.18 20.04 -9.98
C ARG A 28 12.52 21.42 -10.52
N LYS A 29 13.63 22.00 -10.06
CA LYS A 29 14.04 23.32 -10.54
C LYS A 29 14.25 23.34 -12.05
N HIS A 30 14.83 22.27 -12.62
CA HIS A 30 15.20 22.25 -14.02
C HIS A 30 14.22 21.47 -14.89
N HIS A 31 13.01 21.22 -14.38
CA HIS A 31 11.93 20.60 -15.14
C HIS A 31 12.32 19.22 -15.65
N ILE A 32 13.01 18.46 -14.81
CA ILE A 32 13.39 17.09 -15.10
C ILE A 32 12.58 16.21 -14.17
N THR A 33 11.94 15.18 -14.73
CA THR A 33 11.31 14.18 -13.91
C THR A 33 12.36 13.34 -13.19
N LEU A 34 12.10 13.02 -11.92
CA LEU A 34 12.92 12.09 -11.13
C LEU A 34 12.02 10.93 -10.72
N THR A 35 12.43 9.70 -11.05
CA THR A 35 11.69 8.50 -10.69
C THR A 35 12.56 7.59 -9.84
N ASN A 36 11.91 6.66 -9.12
CA ASN A 36 12.64 5.71 -8.30
C ASN A 36 13.19 4.55 -9.13
N LEU A 37 12.50 4.17 -10.20
CA LEU A 37 12.90 3.04 -11.02
C LEU A 37 13.07 3.51 -12.45
N ILE A 38 13.93 2.84 -13.18
CA ILE A 38 14.21 3.24 -14.54
C ILE A 38 13.05 2.80 -15.44
N THR A 39 12.78 3.61 -16.46
CA THR A 39 11.74 3.36 -17.44
C THR A 39 12.33 3.51 -18.83
N GLU A 40 11.58 3.08 -19.84
CA GLU A 40 12.01 3.32 -21.21
C GLU A 40 12.13 4.80 -21.52
N GLU A 41 11.41 5.65 -20.79
CA GLU A 41 11.49 7.09 -21.03
C GLU A 41 12.64 7.76 -20.27
N THR A 42 13.34 7.03 -19.42
CA THR A 42 14.46 7.64 -18.70
C THR A 42 15.52 8.11 -19.70
N THR A 43 15.98 9.35 -19.53
CA THR A 43 17.05 9.91 -20.36
C THR A 43 18.41 9.93 -19.64
N HIS A 44 18.40 9.94 -18.32
CA HIS A 44 19.61 10.08 -17.51
C HIS A 44 19.63 9.12 -16.32
N VAL A 45 20.79 8.52 -16.09
CA VAL A 45 21.08 7.76 -14.87
C VAL A 45 22.22 8.47 -14.17
N VAL A 46 21.97 8.93 -12.95
CA VAL A 46 22.95 9.67 -12.17
C VAL A 46 23.53 8.71 -11.13
N MET A 47 24.80 8.32 -11.34
CA MET A 47 25.51 7.36 -10.50
C MET A 47 26.36 8.06 -9.46
N LYS A 48 26.32 7.57 -8.23
CA LYS A 48 27.37 7.91 -7.29
C LYS A 48 28.69 7.41 -7.85
N THR A 49 29.70 8.30 -7.88
CA THR A 49 31.04 7.91 -8.34
C THR A 49 32.10 8.46 -7.40
N ASP A 50 33.31 7.93 -7.55
CA ASP A 50 34.47 8.61 -6.99
C ASP A 50 34.82 9.83 -7.86
N ALA A 51 35.84 10.57 -7.46
CA ALA A 51 36.18 11.78 -8.19
C ALA A 51 36.79 11.51 -9.56
N GLU A 52 37.02 10.24 -9.93
CA GLU A 52 37.51 9.86 -11.26
C GLU A 52 36.39 9.27 -12.11
N PHE A 53 35.15 9.45 -11.67
CA PHE A 53 33.96 9.05 -12.42
C PHE A 53 33.86 7.54 -12.57
N VAL A 54 34.30 6.81 -11.56
CA VAL A 54 34.15 5.36 -11.49
C VAL A 54 33.03 5.04 -10.52
N CYS A 55 32.09 4.19 -10.93
CA CYS A 55 30.93 3.83 -10.12
C CYS A 55 30.99 2.35 -9.76
N GLU A 56 29.98 1.91 -9.02
CA GLU A 56 29.72 0.50 -8.80
C GLU A 56 28.59 0.07 -9.73
N ARG A 57 28.50 -1.24 -9.96
CA ARG A 57 27.54 -1.78 -10.93
C ARG A 57 26.22 -2.07 -10.22
N THR A 58 25.18 -1.28 -10.55
CA THR A 58 23.83 -1.52 -10.09
C THR A 58 22.92 -1.83 -11.30
N LEU A 59 21.70 -2.28 -11.01
CA LEU A 59 20.77 -2.54 -12.11
C LEU A 59 20.55 -1.29 -12.94
N LYS A 60 20.45 -0.13 -12.29
CA LYS A 60 20.25 1.10 -13.05
C LYS A 60 21.42 1.41 -13.97
N TYR A 61 22.65 1.16 -13.51
CA TYR A 61 23.82 1.31 -14.37
C TYR A 61 23.68 0.45 -15.63
N PHE A 62 23.39 -0.84 -15.45
CA PHE A 62 23.29 -1.73 -16.61
C PHE A 62 22.18 -1.28 -17.56
N LEU A 63 21.00 -0.96 -17.01
CA LEU A 63 19.88 -0.61 -17.88
C LEU A 63 20.09 0.72 -18.56
N GLY A 64 20.80 1.65 -17.91
CA GLY A 64 21.11 2.91 -18.56
C GLY A 64 22.01 2.72 -19.77
N ILE A 65 23.07 1.92 -19.60
CA ILE A 65 23.96 1.59 -20.71
C ILE A 65 23.20 0.83 -21.80
N ALA A 66 22.44 -0.19 -21.40
CA ALA A 66 21.74 -1.03 -22.38
C ALA A 66 20.79 -0.19 -23.23
N GLY A 67 20.22 0.85 -22.65
CA GLY A 67 19.38 1.79 -23.36
C GLY A 67 20.09 2.91 -24.09
N GLY A 68 21.42 2.99 -24.00
CA GLY A 68 22.14 4.09 -24.61
C GLY A 68 21.82 5.45 -24.03
N LYS A 69 21.53 5.50 -22.73
CA LYS A 69 21.15 6.74 -22.06
C LYS A 69 22.39 7.47 -21.55
N TRP A 70 22.18 8.66 -20.99
CA TRP A 70 23.26 9.39 -20.34
C TRP A 70 23.48 8.75 -18.98
N VAL A 71 24.67 8.21 -18.75
CA VAL A 71 25.06 7.66 -17.46
C VAL A 71 26.15 8.59 -16.95
N VAL A 72 25.79 9.43 -15.97
CA VAL A 72 26.66 10.52 -15.54
C VAL A 72 26.87 10.46 -14.03
N SER A 73 27.98 11.06 -13.60
CA SER A 73 28.29 11.14 -12.18
C SER A 73 27.38 12.13 -11.46
N TYR A 74 27.08 11.81 -10.19
CA TYR A 74 26.40 12.74 -9.30
C TYR A 74 27.13 14.08 -9.20
N PHE A 75 28.44 14.13 -9.45
CA PHE A 75 29.13 15.39 -9.50
C PHE A 75 28.54 16.34 -10.54
N TRP A 76 27.86 15.81 -11.57
CA TRP A 76 27.19 16.69 -12.53
C TRP A 76 26.18 17.58 -11.82
N VAL A 77 25.44 16.99 -10.87
CA VAL A 77 24.46 17.75 -10.11
C VAL A 77 25.17 18.72 -9.17
N THR A 78 26.09 18.22 -8.35
CA THR A 78 26.68 19.09 -7.33
C THR A 78 27.55 20.18 -7.95
N GLN A 79 28.24 19.88 -9.05
N GLN A 79 28.24 19.89 -9.06
CA GLN A 79 29.07 20.90 -9.68
CA GLN A 79 29.08 20.92 -9.67
C GLN A 79 28.24 21.94 -10.44
C GLN A 79 28.23 21.95 -10.43
N SER A 80 27.14 21.52 -11.07
CA SER A 80 26.24 22.48 -11.68
C SER A 80 25.70 23.46 -10.64
N ILE A 81 25.31 22.93 -9.48
CA ILE A 81 24.85 23.78 -8.40
C ILE A 81 25.95 24.76 -7.99
N LYS A 82 27.16 24.24 -7.77
CA LYS A 82 28.26 25.08 -7.33
C LYS A 82 28.54 26.19 -8.33
N GLU A 83 28.51 25.86 -9.61
CA GLU A 83 28.83 26.85 -10.65
C GLU A 83 27.60 27.64 -11.11
N ARG A 84 26.41 27.33 -10.57
CA ARG A 84 25.19 28.06 -10.90
C ARG A 84 24.91 28.04 -12.39
N LYS A 85 25.22 26.91 -13.02
CA LYS A 85 24.99 26.73 -14.45
C LYS A 85 24.78 25.24 -14.69
N MET A 86 23.85 24.91 -15.58
CA MET A 86 23.69 23.53 -16.01
C MET A 86 24.88 23.15 -16.88
N LEU A 87 25.67 22.20 -16.41
CA LEU A 87 26.87 21.80 -17.11
C LEU A 87 26.55 20.69 -18.10
N ASN A 88 27.49 20.41 -18.99
CA ASN A 88 27.28 19.43 -20.05
C ASN A 88 27.47 18.01 -19.53
N GLU A 89 26.48 17.15 -19.83
CA GLU A 89 26.56 15.76 -19.42
C GLU A 89 27.83 15.09 -19.92
N HIS A 90 28.29 15.42 -21.13
CA HIS A 90 29.46 14.71 -21.64
C HIS A 90 30.69 14.97 -20.79
N ASP A 91 30.71 16.05 -20.01
CA ASP A 91 31.85 16.32 -19.13
C ASP A 91 31.77 15.58 -17.80
N PHE A 92 30.67 14.86 -17.53
CA PHE A 92 30.48 14.10 -16.29
C PHE A 92 30.13 12.65 -16.58
N GLU A 93 30.32 12.21 -17.81
CA GLU A 93 29.94 10.86 -18.19
C GLU A 93 30.78 9.86 -17.40
N VAL A 94 30.11 8.82 -16.90
CA VAL A 94 30.81 7.78 -16.14
C VAL A 94 31.83 7.11 -17.03
N ARG A 95 33.07 6.96 -16.54
CA ARG A 95 34.16 6.43 -17.33
C ARG A 95 34.35 4.93 -17.16
N GLY A 96 33.85 4.37 -16.07
CA GLY A 96 34.06 2.97 -15.78
C GLY A 96 33.47 2.59 -14.44
N ASP A 97 33.75 1.36 -14.03
CA ASP A 97 33.20 0.82 -12.81
C ASP A 97 34.24 -0.06 -12.14
N VAL A 98 34.00 -0.37 -10.86
CA VAL A 98 35.00 -1.10 -10.09
C VAL A 98 35.21 -2.54 -10.54
N VAL A 99 34.29 -3.13 -11.31
CA VAL A 99 34.45 -4.51 -11.79
C VAL A 99 35.17 -4.55 -13.13
N ASN A 100 34.66 -3.84 -14.12
CA ASN A 100 35.09 -3.99 -15.50
C ASN A 100 36.20 -3.03 -15.91
N GLY A 101 36.53 -2.06 -15.07
CA GLY A 101 37.69 -1.21 -15.33
C GLY A 101 37.38 0.26 -15.17
N ARG A 102 38.42 1.04 -14.86
CA ARG A 102 38.20 2.43 -14.47
C ARG A 102 37.95 3.37 -15.64
N ASN A 103 38.29 2.97 -16.86
CA ASN A 103 38.17 3.85 -18.01
C ASN A 103 37.81 3.05 -19.27
N HIS A 104 36.81 2.17 -19.16
CA HIS A 104 36.39 1.42 -20.32
C HIS A 104 35.44 2.20 -21.23
N GLN A 105 34.79 3.23 -20.71
N GLN A 105 34.80 3.24 -20.71
CA GLN A 105 33.92 4.12 -21.49
CA GLN A 105 33.91 4.13 -21.49
C GLN A 105 32.73 3.38 -22.12
C GLN A 105 32.74 3.37 -22.13
N GLY A 106 32.29 2.30 -21.48
CA GLY A 106 31.08 1.60 -21.90
C GLY A 106 29.89 2.52 -22.10
N PRO A 107 29.63 3.42 -21.15
CA PRO A 107 28.45 4.30 -21.32
C PRO A 107 28.47 5.10 -22.61
N LYS A 108 29.61 5.71 -22.92
CA LYS A 108 29.73 6.48 -24.16
C LYS A 108 29.63 5.56 -25.37
N ARG A 109 30.32 4.41 -25.32
CA ARG A 109 30.23 3.44 -26.41
C ARG A 109 28.78 3.06 -26.70
N ALA A 110 27.99 2.74 -25.66
CA ALA A 110 26.59 2.39 -25.87
C ALA A 110 25.81 3.56 -26.44
N ARG A 111 26.04 4.77 -25.91
CA ARG A 111 25.31 5.93 -26.42
C ARG A 111 25.54 6.11 -27.91
N GLU A 112 26.73 5.75 -28.41
CA GLU A 112 27.14 5.96 -29.80
C GLU A 112 26.99 4.72 -30.69
N SER A 113 26.51 3.58 -30.16
CA SER A 113 26.55 2.32 -30.90
C SER A 113 25.20 1.63 -30.97
N GLN A 114 24.10 2.37 -30.86
CA GLN A 114 22.80 1.70 -30.87
C GLN A 114 22.39 1.19 -32.26
N ASP A 115 23.11 1.56 -33.31
CA ASP A 115 22.88 0.95 -34.63
C ASP A 115 23.55 -0.41 -34.77
N ARG A 116 24.23 -0.90 -33.73
CA ARG A 116 25.00 -2.12 -33.79
C ARG A 116 24.98 -2.74 -32.39
N LYS A 117 23.85 -3.30 -32.01
CA LYS A 117 23.63 -3.67 -30.62
C LYS A 117 24.39 -4.96 -30.28
N ILE A 118 24.90 -5.03 -29.04
CA ILE A 118 25.86 -6.07 -28.69
C ILE A 118 25.28 -7.47 -28.80
N PHE A 119 23.97 -7.63 -28.54
CA PHE A 119 23.32 -8.94 -28.57
C PHE A 119 22.46 -9.11 -29.82
N ARG A 120 22.74 -8.36 -30.89
CA ARG A 120 22.03 -8.56 -32.14
C ARG A 120 22.12 -10.01 -32.57
N GLY A 121 20.99 -10.54 -33.05
CA GLY A 121 20.96 -11.89 -33.58
C GLY A 121 21.07 -12.99 -32.54
N LEU A 122 20.90 -12.68 -31.25
CA LEU A 122 20.93 -13.68 -30.20
C LEU A 122 19.54 -13.88 -29.62
N GLU A 123 19.27 -15.14 -29.24
CA GLU A 123 18.07 -15.52 -28.52
C GLU A 123 18.55 -16.08 -27.19
N ILE A 124 18.08 -15.49 -26.09
CA ILE A 124 18.60 -15.78 -24.76
C ILE A 124 17.51 -16.36 -23.88
N CYS A 125 17.84 -17.45 -23.19
CA CYS A 125 16.98 -17.99 -22.13
C CYS A 125 17.63 -17.67 -20.79
N CYS A 126 17.01 -16.79 -20.01
CA CYS A 126 17.49 -16.48 -18.66
C CYS A 126 16.86 -17.51 -17.75
N TYR A 127 17.65 -18.51 -17.40
CA TYR A 127 17.13 -19.78 -16.93
C TYR A 127 17.44 -19.98 -15.47
N GLY A 128 16.43 -20.38 -14.70
CA GLY A 128 16.64 -20.73 -13.32
C GLY A 128 16.57 -19.52 -12.40
N PRO A 129 16.91 -19.73 -11.12
CA PRO A 129 16.85 -18.64 -10.15
C PRO A 129 17.97 -17.63 -10.30
N PHE A 130 17.67 -16.40 -9.86
CA PHE A 130 18.61 -15.28 -9.87
C PHE A 130 18.49 -14.53 -8.57
N THR A 131 19.59 -13.96 -8.08
CA THR A 131 19.53 -13.11 -6.90
C THR A 131 19.76 -11.64 -7.28
N ASN A 132 19.08 -10.78 -6.54
CA ASN A 132 19.25 -9.32 -6.55
C ASN A 132 18.83 -8.65 -7.84
N MET A 133 18.32 -9.39 -8.82
CA MET A 133 17.94 -8.88 -10.12
C MET A 133 16.92 -9.86 -10.67
N PRO A 134 15.62 -9.54 -10.63
CA PRO A 134 14.62 -10.50 -11.10
C PRO A 134 14.81 -10.84 -12.57
N THR A 135 14.35 -12.04 -12.92
CA THR A 135 14.45 -12.52 -14.29
C THR A 135 13.96 -11.48 -15.30
N ASP A 136 12.84 -10.80 -15.03
CA ASP A 136 12.28 -9.91 -16.04
C ASP A 136 13.18 -8.69 -16.27
N GLN A 137 13.99 -8.33 -15.28
CA GLN A 137 14.91 -7.21 -15.43
C GLN A 137 16.14 -7.61 -16.23
N LEU A 138 16.65 -8.82 -16.02
CA LEU A 138 17.71 -9.32 -16.89
C LEU A 138 17.20 -9.50 -18.32
N GLU A 139 15.98 -10.00 -18.47
CA GLU A 139 15.39 -10.11 -19.80
C GLU A 139 15.29 -8.74 -20.47
N TRP A 140 14.82 -7.74 -19.73
CA TRP A 140 14.73 -6.39 -20.31
C TRP A 140 16.10 -5.92 -20.78
N MET A 141 17.11 -6.11 -19.93
CA MET A 141 18.48 -5.71 -20.27
C MET A 141 18.93 -6.29 -21.60
N VAL A 142 18.75 -7.61 -21.79
CA VAL A 142 19.28 -8.22 -23.01
C VAL A 142 18.45 -7.83 -24.21
N GLN A 143 17.14 -7.59 -24.02
CA GLN A 143 16.31 -7.15 -25.14
C GLN A 143 16.67 -5.74 -25.58
N LEU A 144 16.98 -4.86 -24.63
CA LEU A 144 17.47 -3.54 -24.99
C LEU A 144 18.71 -3.62 -25.87
N CYS A 145 19.53 -4.65 -25.67
CA CYS A 145 20.77 -4.87 -26.41
C CYS A 145 20.57 -5.74 -27.65
N GLY A 146 19.32 -5.95 -28.07
CA GLY A 146 19.04 -6.60 -29.35
C GLY A 146 18.64 -8.06 -29.29
N ALA A 147 18.71 -8.70 -28.12
CA ALA A 147 18.37 -10.11 -28.05
C ALA A 147 16.86 -10.31 -27.96
N SER A 148 16.39 -11.43 -28.47
CA SER A 148 15.08 -11.93 -28.10
C SER A 148 15.23 -12.86 -26.91
N VAL A 149 14.13 -13.05 -26.18
CA VAL A 149 14.16 -13.93 -25.02
C VAL A 149 13.14 -15.04 -25.14
N VAL A 150 13.50 -16.22 -24.60
CA VAL A 150 12.56 -17.32 -24.45
C VAL A 150 12.55 -17.74 -22.99
N LYS A 151 11.40 -18.28 -22.56
CA LYS A 151 11.21 -18.64 -21.16
C LYS A 151 11.77 -20.02 -20.84
N GLU A 152 11.62 -20.97 -21.75
CA GLU A 152 11.94 -22.37 -21.49
C GLU A 152 12.96 -22.84 -22.50
N LEU A 153 13.75 -23.83 -22.11
CA LEU A 153 14.78 -24.36 -23.00
C LEU A 153 14.18 -24.93 -24.28
N SER A 154 12.98 -25.51 -24.19
CA SER A 154 12.37 -26.11 -25.37
C SER A 154 11.85 -25.07 -26.35
N SER A 155 11.90 -23.80 -26.00
CA SER A 155 11.36 -22.75 -26.84
C SER A 155 12.40 -22.08 -27.76
N PHE A 156 13.66 -22.52 -27.74
CA PHE A 156 14.63 -21.94 -28.67
C PHE A 156 14.21 -22.22 -30.11
N THR A 157 14.54 -21.26 -30.99
CA THR A 157 14.17 -21.36 -32.39
C THR A 157 15.00 -22.39 -33.14
N LEU A 158 16.30 -22.45 -32.88
CA LEU A 158 17.16 -23.37 -33.62
C LEU A 158 17.07 -23.14 -35.13
N GLY A 159 17.16 -21.89 -35.54
CA GLY A 159 17.12 -21.52 -36.95
C GLY A 159 18.41 -20.88 -37.43
N THR A 160 18.39 -20.31 -38.65
CA THR A 160 19.59 -19.73 -39.23
C THR A 160 19.72 -18.22 -38.99
N GLY A 161 18.70 -17.57 -38.46
CA GLY A 161 18.68 -16.14 -38.30
C GLY A 161 18.94 -15.67 -36.88
N VAL A 162 19.18 -16.60 -35.95
CA VAL A 162 19.46 -16.26 -34.56
C VAL A 162 20.33 -17.37 -33.97
N HIS A 163 21.08 -17.03 -32.92
CA HIS A 163 21.92 -17.98 -32.20
C HIS A 163 21.45 -18.08 -30.76
N PRO A 164 21.34 -19.28 -30.19
CA PRO A 164 20.80 -19.39 -28.83
C PRO A 164 21.88 -19.38 -27.76
N ILE A 165 21.52 -18.85 -26.59
CA ILE A 165 22.40 -18.86 -25.42
C ILE A 165 21.55 -19.04 -24.17
N VAL A 166 21.99 -19.90 -23.25
CA VAL A 166 21.37 -20.04 -21.94
C VAL A 166 22.21 -19.27 -20.93
N VAL A 167 21.57 -18.43 -20.12
CA VAL A 167 22.22 -17.62 -19.11
C VAL A 167 21.71 -18.07 -17.75
N VAL A 168 22.64 -18.38 -16.84
CA VAL A 168 22.37 -19.00 -15.54
C VAL A 168 23.22 -18.30 -14.49
N GLN A 169 22.75 -18.29 -13.24
CA GLN A 169 23.55 -17.85 -12.09
C GLN A 169 23.74 -19.04 -11.14
N PRO A 170 24.80 -19.84 -11.32
CA PRO A 170 24.90 -21.09 -10.56
C PRO A 170 24.79 -20.95 -9.04
N ASP A 171 25.38 -19.91 -8.45
CA ASP A 171 25.32 -19.78 -7.00
C ASP A 171 23.88 -19.68 -6.50
N ALA A 172 22.96 -19.16 -7.31
CA ALA A 172 21.56 -19.04 -6.90
C ALA A 172 20.85 -20.39 -6.81
N TRP A 173 21.45 -21.46 -7.37
CA TRP A 173 20.89 -22.81 -7.30
C TRP A 173 21.23 -23.54 -6.00
N THR A 174 22.07 -22.97 -5.14
CA THR A 174 22.61 -23.61 -3.94
C THR A 174 22.95 -25.09 -4.13
N GLU A 175 22.24 -26.01 -3.45
CA GLU A 175 22.62 -27.42 -3.42
C GLU A 175 22.18 -28.22 -4.65
N ASP A 176 21.47 -27.57 -5.60
CA ASP A 176 20.95 -28.22 -6.79
C ASP A 176 21.98 -28.05 -7.91
N ASN A 177 22.59 -29.15 -8.32
CA ASN A 177 23.60 -29.13 -9.38
C ASN A 177 23.00 -29.21 -10.77
N GLY A 178 21.69 -28.97 -10.91
CA GLY A 178 21.06 -29.17 -12.19
C GLY A 178 21.58 -28.25 -13.28
N PHE A 179 22.22 -27.15 -12.89
CA PHE A 179 22.77 -26.24 -13.90
C PHE A 179 23.90 -26.88 -14.68
N HIS A 180 24.43 -28.00 -14.18
CA HIS A 180 25.41 -28.79 -14.91
C HIS A 180 24.78 -29.74 -15.92
N ALA A 181 23.44 -29.88 -15.93
CA ALA A 181 22.75 -30.88 -16.73
C ALA A 181 21.92 -30.23 -17.84
N ILE A 182 22.09 -28.93 -18.05
CA ILE A 182 21.31 -28.24 -19.08
C ILE A 182 21.67 -28.76 -20.46
N GLY A 183 22.97 -29.02 -20.71
CA GLY A 183 23.39 -29.56 -21.99
C GLY A 183 22.71 -30.86 -22.39
N GLN A 184 22.24 -31.63 -21.41
CA GLN A 184 21.51 -32.85 -21.72
C GLN A 184 20.14 -32.57 -22.34
N MET A 185 19.59 -31.37 -22.08
CA MET A 185 18.25 -31.00 -22.50
C MET A 185 18.24 -30.03 -23.67
N CYS A 186 19.40 -29.51 -24.06
CA CYS A 186 19.42 -28.32 -24.89
C CYS A 186 20.80 -28.20 -25.56
N GLU A 187 20.81 -27.78 -26.83
CA GLU A 187 22.05 -27.69 -27.61
C GLU A 187 22.75 -26.34 -27.48
N ALA A 188 22.18 -25.39 -26.77
CA ALA A 188 22.75 -24.05 -26.73
C ALA A 188 23.89 -23.97 -25.71
N PRO A 189 24.87 -23.11 -25.93
CA PRO A 189 25.89 -22.88 -24.91
C PRO A 189 25.27 -22.30 -23.64
N VAL A 190 25.86 -22.67 -22.51
CA VAL A 190 25.39 -22.31 -21.18
C VAL A 190 26.44 -21.44 -20.50
N VAL A 191 26.09 -20.19 -20.18
CA VAL A 191 27.05 -19.24 -19.61
C VAL A 191 26.49 -18.66 -18.33
N THR A 192 27.37 -18.07 -17.52
CA THR A 192 26.93 -17.36 -16.32
C THR A 192 26.38 -15.98 -16.66
N ARG A 193 25.65 -15.42 -15.68
CA ARG A 193 25.07 -14.10 -15.81
C ARG A 193 26.14 -13.04 -16.00
N GLU A 194 27.36 -13.30 -15.51
N GLU A 194 27.36 -13.31 -15.51
CA GLU A 194 28.45 -12.35 -15.71
CA GLU A 194 28.45 -12.37 -15.70
C GLU A 194 28.77 -12.12 -17.17
C GLU A 194 28.75 -12.12 -17.17
N TRP A 195 28.47 -13.09 -18.05
CA TRP A 195 28.65 -12.84 -19.47
C TRP A 195 27.79 -11.67 -19.93
N VAL A 196 26.53 -11.64 -19.49
CA VAL A 196 25.67 -10.51 -19.82
C VAL A 196 26.20 -9.24 -19.16
N LEU A 197 26.44 -9.29 -17.85
CA LEU A 197 26.76 -8.08 -17.12
C LEU A 197 28.07 -7.44 -17.62
N ASP A 198 29.12 -8.26 -17.84
CA ASP A 198 30.36 -7.71 -18.36
C ASP A 198 30.15 -7.13 -19.76
N SER A 199 29.40 -7.84 -20.61
CA SER A 199 29.22 -7.35 -21.96
C SER A 199 28.45 -6.04 -21.98
N VAL A 200 27.44 -5.90 -21.11
CA VAL A 200 26.67 -4.66 -21.06
C VAL A 200 27.53 -3.50 -20.53
N ALA A 201 28.24 -3.72 -19.42
CA ALA A 201 29.03 -2.64 -18.82
C ALA A 201 30.06 -2.10 -19.81
N LEU A 202 30.73 -2.99 -20.54
CA LEU A 202 31.72 -2.62 -21.53
C LEU A 202 31.10 -2.17 -22.85
N TYR A 203 29.81 -2.40 -23.02
CA TYR A 203 29.11 -2.35 -24.31
C TYR A 203 29.94 -3.02 -25.42
N GLN A 204 30.39 -4.24 -25.13
N GLN A 204 30.30 -4.27 -25.15
CA GLN A 204 31.08 -5.09 -26.09
CA GLN A 204 31.10 -5.08 -26.07
C GLN A 204 30.67 -6.52 -25.78
C GLN A 204 30.76 -6.54 -25.81
N CYS A 205 30.16 -7.23 -26.78
CA CYS A 205 29.79 -8.62 -26.59
C CYS A 205 31.04 -9.43 -26.31
N GLN A 206 31.11 -10.05 -25.13
CA GLN A 206 32.28 -10.85 -24.78
C GLN A 206 32.24 -12.23 -25.43
N GLU A 207 33.43 -12.79 -25.66
CA GLU A 207 33.51 -14.18 -26.02
C GLU A 207 32.95 -15.02 -24.87
N LEU A 208 32.41 -16.19 -25.20
CA LEU A 208 31.78 -17.00 -24.15
C LEU A 208 32.78 -17.79 -23.31
N ASP A 209 34.03 -17.92 -23.78
N ASP A 209 34.01 -17.97 -23.80
CA ASP A 209 34.97 -18.93 -23.29
CA ASP A 209 34.88 -18.98 -23.24
C ASP A 209 35.13 -18.94 -21.77
C ASP A 209 34.95 -18.94 -21.72
N THR A 210 35.31 -17.78 -21.16
CA THR A 210 35.55 -17.69 -19.71
C THR A 210 34.28 -17.71 -18.90
N TYR A 211 33.12 -17.80 -19.54
CA TYR A 211 31.85 -17.80 -18.83
C TYR A 211 31.11 -19.12 -18.92
N LEU A 212 31.65 -20.11 -19.61
CA LEU A 212 30.91 -21.34 -19.86
C LEU A 212 30.82 -22.16 -18.57
N ILE A 213 29.63 -22.68 -18.30
CA ILE A 213 29.40 -23.54 -17.15
C ILE A 213 29.62 -24.99 -17.59
N PRO A 214 30.54 -25.71 -16.95
CA PRO A 214 30.80 -27.10 -17.36
C PRO A 214 29.52 -27.92 -17.37
N GLN A 215 29.34 -28.69 -18.43
CA GLN A 215 28.15 -29.52 -18.57
C GLN A 215 28.57 -30.98 -18.50
N ILE A 216 27.86 -31.75 -17.68
CA ILE A 216 28.12 -33.18 -17.61
C ILE A 216 27.34 -33.92 -18.68
N PRO A 217 27.85 -35.05 -19.17
CA PRO A 217 27.16 -35.83 -20.21
C PRO A 217 25.90 -36.47 -19.65
N MET B 8 -29.68 33.69 -12.76
CA MET B 8 -28.25 33.90 -13.02
C MET B 8 -27.51 34.54 -11.83
N SER B 9 -26.32 34.02 -11.55
CA SER B 9 -25.51 34.49 -10.45
C SER B 9 -24.05 34.41 -10.90
N MET B 10 -23.32 35.52 -10.78
CA MET B 10 -21.96 35.59 -11.32
C MET B 10 -20.95 35.92 -10.24
N VAL B 11 -19.72 35.44 -10.47
CA VAL B 11 -18.54 36.01 -9.86
C VAL B 11 -17.65 36.51 -10.99
N VAL B 12 -16.68 37.35 -10.64
CA VAL B 12 -15.69 37.83 -11.57
C VAL B 12 -14.29 37.50 -11.03
N SER B 13 -13.32 37.42 -11.94
CA SER B 13 -11.97 37.09 -11.55
C SER B 13 -10.98 37.85 -12.42
N GLY B 14 -9.99 38.46 -11.77
CA GLY B 14 -8.95 39.21 -12.44
C GLY B 14 -9.32 40.60 -12.90
N LEU B 15 -10.43 41.16 -12.41
CA LEU B 15 -10.88 42.47 -12.87
C LEU B 15 -10.33 43.60 -12.03
N THR B 16 -10.10 44.74 -12.68
CA THR B 16 -9.78 45.96 -11.97
C THR B 16 -11.05 46.50 -11.31
N PRO B 17 -10.91 47.43 -10.36
CA PRO B 17 -12.10 48.07 -9.78
C PRO B 17 -13.04 48.67 -10.82
N GLU B 18 -12.49 49.33 -11.85
CA GLU B 18 -13.33 49.96 -12.86
C GLU B 18 -14.09 48.91 -13.66
N GLU B 19 -13.43 47.79 -13.98
CA GLU B 19 -14.11 46.72 -14.69
C GLU B 19 -15.19 46.11 -13.80
N PHE B 20 -14.88 45.90 -12.53
CA PHE B 20 -15.87 45.37 -11.60
C PHE B 20 -17.11 46.25 -11.54
N MET B 21 -16.94 47.58 -11.49
CA MET B 21 -18.11 48.45 -11.41
C MET B 21 -18.96 48.34 -12.66
N LEU B 22 -18.33 48.14 -13.82
CA LEU B 22 -19.11 47.90 -15.03
C LEU B 22 -19.90 46.61 -14.92
N VAL B 23 -19.30 45.57 -14.35
CA VAL B 23 -20.06 44.32 -14.18
C VAL B 23 -21.22 44.53 -13.22
N TYR B 24 -21.03 45.29 -12.15
CA TYR B 24 -22.12 45.56 -11.23
C TYR B 24 -23.29 46.26 -11.95
N LYS B 25 -22.98 47.24 -12.79
CA LYS B 25 -24.04 47.94 -13.52
C LYS B 25 -24.77 47.00 -14.47
N PHE B 26 -24.02 46.16 -15.18
CA PHE B 26 -24.58 45.14 -16.06
C PHE B 26 -25.47 44.18 -15.29
N ALA B 27 -25.01 43.74 -14.13
CA ALA B 27 -25.77 42.79 -13.34
C ALA B 27 -27.08 43.41 -12.87
N ARG B 28 -27.03 44.64 -12.36
CA ARG B 28 -28.25 45.32 -11.92
C ARG B 28 -29.22 45.47 -13.07
N LYS B 29 -28.73 45.83 -14.24
CA LYS B 29 -29.61 46.05 -15.38
C LYS B 29 -30.38 44.78 -15.73
N HIS B 30 -29.71 43.64 -15.71
CA HIS B 30 -30.29 42.36 -16.12
C HIS B 30 -30.78 41.52 -14.94
N HIS B 31 -30.80 42.09 -13.73
CA HIS B 31 -31.29 41.37 -12.56
C HIS B 31 -30.50 40.07 -12.31
N ILE B 32 -29.20 40.19 -12.41
CA ILE B 32 -28.25 39.10 -12.15
C ILE B 32 -27.64 39.36 -10.79
N THR B 33 -27.46 38.31 -10.00
CA THR B 33 -26.76 38.44 -8.74
C THR B 33 -25.26 38.41 -8.97
N LEU B 34 -24.54 39.24 -8.23
CA LEU B 34 -23.08 39.29 -8.29
C LEU B 34 -22.59 39.04 -6.88
N THR B 35 -21.76 37.99 -6.70
CA THR B 35 -21.22 37.68 -5.38
C THR B 35 -19.69 37.76 -5.43
N ASN B 36 -19.09 37.90 -4.24
CA ASN B 36 -17.63 37.98 -4.17
C ASN B 36 -16.97 36.61 -4.25
N LEU B 37 -17.61 35.57 -3.73
CA LEU B 37 -17.06 34.23 -3.78
C LEU B 37 -18.01 33.29 -4.51
N ILE B 38 -17.44 32.25 -5.08
CA ILE B 38 -18.20 31.32 -5.88
C ILE B 38 -18.97 30.39 -4.95
N THR B 39 -20.17 30.02 -5.36
CA THR B 39 -21.00 29.10 -4.60
C THR B 39 -21.60 28.08 -5.56
N GLU B 40 -22.32 27.11 -5.00
CA GLU B 40 -23.01 26.14 -5.87
C GLU B 40 -24.03 26.81 -6.77
N GLU B 41 -24.61 27.93 -6.33
CA GLU B 41 -25.62 28.66 -7.11
C GLU B 41 -25.00 29.54 -8.20
N THR B 42 -23.69 29.71 -8.20
CA THR B 42 -23.08 30.49 -9.25
C THR B 42 -23.30 29.82 -10.59
N THR B 43 -23.77 30.59 -11.58
CA THR B 43 -23.93 30.08 -12.93
C THR B 43 -22.82 30.53 -13.88
N HIS B 44 -22.14 31.65 -13.58
CA HIS B 44 -21.19 32.25 -14.50
C HIS B 44 -19.97 32.73 -13.73
N VAL B 45 -18.80 32.43 -14.29
CA VAL B 45 -17.52 32.97 -13.83
C VAL B 45 -17.00 33.83 -14.98
N VAL B 46 -16.89 35.14 -14.73
CA VAL B 46 -16.46 36.11 -15.73
C VAL B 46 -14.97 36.35 -15.50
N MET B 47 -14.15 35.84 -16.41
CA MET B 47 -12.68 35.92 -16.33
C MET B 47 -12.13 37.08 -17.16
N LYS B 48 -11.19 37.83 -16.58
CA LYS B 48 -10.32 38.66 -17.41
C LYS B 48 -9.58 37.77 -18.41
N THR B 49 -9.58 38.15 -19.67
CA THR B 49 -8.81 37.46 -20.69
C THR B 49 -8.09 38.46 -21.58
N ASP B 50 -7.18 37.93 -22.40
CA ASP B 50 -6.69 38.67 -23.54
C ASP B 50 -7.72 38.60 -24.67
N ALA B 51 -7.40 39.20 -25.82
CA ALA B 51 -8.33 39.28 -26.94
C ALA B 51 -8.59 37.93 -27.57
N GLU B 52 -7.82 36.91 -27.20
CA GLU B 52 -7.99 35.56 -27.73
C GLU B 52 -8.65 34.64 -26.70
N PHE B 53 -9.25 35.22 -25.67
CA PHE B 53 -10.00 34.49 -24.66
C PHE B 53 -9.13 33.53 -23.87
N VAL B 54 -7.88 33.91 -23.63
CA VAL B 54 -6.97 33.19 -22.76
C VAL B 54 -6.90 33.94 -21.44
N CYS B 55 -7.07 33.24 -20.33
CA CYS B 55 -7.05 33.82 -18.99
C CYS B 55 -5.85 33.30 -18.21
N GLU B 56 -5.74 33.79 -16.99
CA GLU B 56 -4.83 33.23 -15.99
C GLU B 56 -5.65 32.39 -15.03
N ARG B 57 -4.99 31.43 -14.40
CA ARG B 57 -5.67 30.46 -13.55
C ARG B 57 -5.82 31.01 -12.14
N THR B 58 -7.06 31.22 -11.73
CA THR B 58 -7.41 31.59 -10.37
C THR B 58 -8.27 30.49 -9.76
N LEU B 59 -8.53 30.62 -8.46
CA LEU B 59 -9.41 29.65 -7.80
C LEU B 59 -10.80 29.64 -8.46
N LYS B 60 -11.33 30.83 -8.77
CA LYS B 60 -12.63 30.91 -9.44
C LYS B 60 -12.63 30.19 -10.79
N TYR B 61 -11.53 30.30 -11.54
CA TYR B 61 -11.42 29.57 -12.82
C TYR B 61 -11.54 28.07 -12.59
N PHE B 62 -10.75 27.53 -11.67
CA PHE B 62 -10.79 26.09 -11.40
C PHE B 62 -12.17 25.65 -10.93
N LEU B 63 -12.77 26.41 -9.98
CA LEU B 63 -14.06 25.99 -9.44
C LEU B 63 -15.19 26.15 -10.45
N GLY B 64 -15.09 27.15 -11.34
CA GLY B 64 -16.08 27.28 -12.41
C GLY B 64 -16.06 26.09 -13.35
N ILE B 65 -14.86 25.67 -13.76
CA ILE B 65 -14.71 24.47 -14.57
C ILE B 65 -15.18 23.24 -13.82
N ALA B 66 -14.70 23.07 -12.58
CA ALA B 66 -15.06 21.88 -11.81
C ALA B 66 -16.57 21.74 -11.66
N GLY B 67 -17.28 22.86 -11.51
CA GLY B 67 -18.73 22.86 -11.42
C GLY B 67 -19.47 22.83 -12.74
N GLY B 68 -18.76 22.81 -13.87
CA GLY B 68 -19.42 22.83 -15.16
C GLY B 68 -20.19 24.11 -15.44
N LYS B 69 -19.71 25.25 -14.93
CA LYS B 69 -20.38 26.53 -15.08
C LYS B 69 -20.00 27.18 -16.40
N TRP B 70 -20.65 28.31 -16.71
CA TRP B 70 -20.18 29.15 -17.80
C TRP B 70 -18.93 29.90 -17.33
N VAL B 71 -17.81 29.67 -18.00
CA VAL B 71 -16.58 30.39 -17.73
C VAL B 71 -16.33 31.22 -18.98
N VAL B 72 -16.60 32.52 -18.88
CA VAL B 72 -16.67 33.39 -20.04
C VAL B 72 -15.74 34.57 -19.86
N SER B 73 -15.27 35.12 -20.98
CA SER B 73 -14.45 36.31 -20.96
C SER B 73 -15.26 37.51 -20.50
N TYR B 74 -14.58 38.44 -19.83
CA TYR B 74 -15.14 39.75 -19.53
C TYR B 74 -15.61 40.49 -20.78
N PHE B 75 -15.05 40.16 -21.96
CA PHE B 75 -15.59 40.74 -23.19
C PHE B 75 -17.07 40.43 -23.39
N TRP B 76 -17.58 39.35 -22.80
CA TRP B 76 -19.03 39.09 -22.84
C TRP B 76 -19.80 40.26 -22.24
N VAL B 77 -19.29 40.79 -21.14
CA VAL B 77 -19.94 41.93 -20.49
C VAL B 77 -19.80 43.18 -21.34
N THR B 78 -18.57 43.52 -21.73
CA THR B 78 -18.39 44.79 -22.44
C THR B 78 -19.11 44.78 -23.79
N GLN B 79 -19.08 43.64 -24.49
N GLN B 79 -19.07 43.65 -24.49
CA GLN B 79 -19.74 43.62 -25.78
CA GLN B 79 -19.74 43.59 -25.78
C GLN B 79 -21.26 43.54 -25.65
C GLN B 79 -21.26 43.59 -25.61
N SER B 80 -21.76 42.93 -24.56
CA SER B 80 -23.20 42.97 -24.29
C SER B 80 -23.67 44.39 -23.97
N ILE B 81 -22.89 45.13 -23.17
CA ILE B 81 -23.19 46.55 -22.92
C ILE B 81 -23.26 47.30 -24.24
N LYS B 82 -22.26 47.12 -25.10
CA LYS B 82 -22.20 47.83 -26.37
C LYS B 82 -23.41 47.51 -27.23
N GLU B 83 -23.84 46.25 -27.22
CA GLU B 83 -24.96 45.84 -28.06
C GLU B 83 -26.31 45.96 -27.36
N ARG B 84 -26.35 46.36 -26.09
CA ARG B 84 -27.59 46.67 -25.38
C ARG B 84 -28.45 45.43 -25.11
N LYS B 85 -27.85 44.25 -25.15
CA LYS B 85 -28.55 43.02 -24.81
C LYS B 85 -27.53 42.00 -24.38
N MET B 86 -28.00 40.97 -23.69
N MET B 86 -27.99 40.99 -23.65
CA MET B 86 -27.11 39.91 -23.25
CA MET B 86 -27.08 39.93 -23.23
C MET B 86 -26.75 39.01 -24.42
C MET B 86 -26.75 39.04 -24.42
N LEU B 87 -25.46 38.91 -24.73
CA LEU B 87 -24.99 38.07 -25.82
C LEU B 87 -24.85 36.62 -25.37
N ASN B 88 -24.52 35.73 -26.30
CA ASN B 88 -24.52 34.30 -26.04
C ASN B 88 -23.19 33.86 -25.45
N GLU B 89 -23.26 33.21 -24.29
CA GLU B 89 -22.07 32.74 -23.61
C GLU B 89 -21.20 31.87 -24.49
N HIS B 90 -21.83 31.10 -25.41
CA HIS B 90 -21.04 30.23 -26.28
C HIS B 90 -20.01 31.03 -27.06
N ASP B 91 -20.32 32.25 -27.42
CA ASP B 91 -19.43 33.06 -28.26
C ASP B 91 -18.32 33.74 -27.46
N PHE B 92 -18.32 33.61 -26.12
CA PHE B 92 -17.33 34.28 -25.27
C PHE B 92 -16.67 33.31 -24.29
N GLU B 93 -16.89 32.01 -24.47
CA GLU B 93 -16.36 31.02 -23.55
C GLU B 93 -14.84 31.02 -23.55
N VAL B 94 -14.25 30.95 -22.36
CA VAL B 94 -12.79 30.97 -22.25
C VAL B 94 -12.24 29.77 -23.00
N ARG B 95 -11.19 30.01 -23.81
CA ARG B 95 -10.61 28.99 -24.67
C ARG B 95 -9.45 28.25 -24.02
N GLY B 96 -8.78 28.90 -23.08
CA GLY B 96 -7.64 28.29 -22.44
C GLY B 96 -7.01 29.27 -21.47
N ASP B 97 -5.81 28.91 -21.02
CA ASP B 97 -5.13 29.70 -20.01
C ASP B 97 -3.62 29.65 -20.26
N VAL B 98 -2.89 30.53 -19.57
CA VAL B 98 -1.48 30.72 -19.86
C VAL B 98 -0.63 29.54 -19.43
N VAL B 99 -1.13 28.70 -18.52
CA VAL B 99 -0.37 27.54 -18.06
C VAL B 99 -0.62 26.32 -18.96
N ASN B 100 -1.88 25.98 -19.18
CA ASN B 100 -2.21 24.70 -19.79
C ASN B 100 -2.47 24.76 -21.29
N GLY B 101 -2.54 25.95 -21.88
CA GLY B 101 -2.59 26.07 -23.32
C GLY B 101 -3.68 27.01 -23.76
N ARG B 102 -3.49 27.61 -24.94
CA ARG B 102 -4.32 28.72 -25.36
C ARG B 102 -5.67 28.28 -25.90
N ASN B 103 -5.84 27.01 -26.25
CA ASN B 103 -7.07 26.56 -26.90
C ASN B 103 -7.42 25.14 -26.50
N HIS B 104 -7.26 24.82 -25.22
CA HIS B 104 -7.59 23.48 -24.75
C HIS B 104 -9.09 23.27 -24.58
N GLN B 105 -9.85 24.35 -24.45
CA GLN B 105 -11.31 24.28 -24.32
C GLN B 105 -11.77 23.44 -23.13
N GLY B 106 -10.99 23.43 -22.06
CA GLY B 106 -11.39 22.82 -20.82
C GLY B 106 -12.75 23.25 -20.30
N PRO B 107 -13.04 24.55 -20.26
CA PRO B 107 -14.38 24.96 -19.79
C PRO B 107 -15.52 24.30 -20.54
N LYS B 108 -15.44 24.29 -21.87
CA LYS B 108 -16.49 23.65 -22.67
C LYS B 108 -16.53 22.15 -22.40
N ARG B 109 -15.36 21.51 -22.32
CA ARG B 109 -15.30 20.08 -22.03
C ARG B 109 -15.98 19.75 -20.71
N ALA B 110 -15.74 20.55 -19.67
CA ALA B 110 -16.38 20.30 -18.38
C ALA B 110 -17.87 20.55 -18.45
N ARG B 111 -18.27 21.63 -19.12
CA ARG B 111 -19.69 21.96 -19.24
C ARG B 111 -20.47 20.80 -19.84
N GLU B 112 -19.82 20.01 -20.71
CA GLU B 112 -20.44 18.92 -21.45
C GLU B 112 -20.13 17.54 -20.89
N SER B 113 -19.32 17.42 -19.83
CA SER B 113 -18.83 16.13 -19.35
C SER B 113 -19.25 15.84 -17.91
N GLN B 114 -20.35 16.43 -17.44
CA GLN B 114 -20.74 16.27 -16.04
C GLN B 114 -21.24 14.86 -15.73
N ASP B 115 -21.57 14.08 -16.75
CA ASP B 115 -21.92 12.68 -16.53
C ASP B 115 -20.72 11.75 -16.55
N ARG B 116 -19.51 12.27 -16.84
CA ARG B 116 -18.30 11.45 -16.90
C ARG B 116 -17.15 12.29 -16.34
N LYS B 117 -17.13 12.45 -15.02
CA LYS B 117 -16.21 13.39 -14.40
C LYS B 117 -14.80 12.81 -14.35
N ILE B 118 -13.81 13.70 -14.35
CA ILE B 118 -12.46 13.27 -14.64
C ILE B 118 -11.87 12.41 -13.53
N PHE B 119 -12.32 12.57 -12.28
CA PHE B 119 -11.73 11.85 -11.15
C PHE B 119 -12.65 10.76 -10.62
N ARG B 120 -13.68 10.38 -11.36
CA ARG B 120 -14.54 9.30 -10.92
C ARG B 120 -13.72 8.06 -10.62
N GLY B 121 -14.04 7.40 -9.50
CA GLY B 121 -13.32 6.20 -9.14
C GLY B 121 -11.99 6.43 -8.46
N LEU B 122 -11.62 7.68 -8.19
CA LEU B 122 -10.41 8.00 -7.46
C LEU B 122 -10.75 8.46 -6.05
N GLU B 123 -9.92 8.07 -5.10
CA GLU B 123 -9.95 8.60 -3.74
C GLU B 123 -8.74 9.50 -3.59
N ILE B 124 -8.96 10.76 -3.21
CA ILE B 124 -7.92 11.76 -3.17
C ILE B 124 -7.82 12.31 -1.76
N CYS B 125 -6.62 12.30 -1.20
CA CYS B 125 -6.34 12.92 0.08
C CYS B 125 -5.47 14.14 -0.18
N CYS B 126 -6.02 15.32 0.08
CA CYS B 126 -5.29 16.58 -0.01
C CYS B 126 -4.55 16.74 1.31
N TYR B 127 -3.27 16.39 1.30
CA TYR B 127 -2.53 16.09 2.53
C TYR B 127 -1.50 17.17 2.77
N GLY B 128 -1.42 17.62 4.02
CA GLY B 128 -0.39 18.54 4.40
C GLY B 128 -0.76 19.96 4.07
N PRO B 129 0.21 20.85 4.17
CA PRO B 129 -0.08 22.28 4.02
C PRO B 129 -0.22 22.70 2.57
N PHE B 130 -1.02 23.75 2.38
CA PHE B 130 -1.17 24.37 1.06
C PHE B 130 -1.11 25.89 1.20
N THR B 131 -0.81 26.55 0.08
CA THR B 131 -0.80 28.01 0.05
C THR B 131 -1.74 28.54 -1.03
N ASN B 132 -2.29 29.72 -0.77
CA ASN B 132 -3.13 30.48 -1.68
C ASN B 132 -4.43 29.80 -2.06
N MET B 133 -4.73 28.68 -1.45
CA MET B 133 -5.89 27.86 -1.79
C MET B 133 -6.14 26.93 -0.61
N PRO B 134 -7.07 27.28 0.27
CA PRO B 134 -7.29 26.45 1.46
C PRO B 134 -7.61 25.01 1.10
N THR B 135 -7.25 24.10 2.01
CA THR B 135 -7.48 22.68 1.77
C THR B 135 -8.92 22.40 1.38
N ASP B 136 -9.89 23.02 2.06
CA ASP B 136 -11.29 22.70 1.79
C ASP B 136 -11.70 23.11 0.37
N GLN B 137 -11.02 24.11 -0.20
CA GLN B 137 -11.34 24.53 -1.56
C GLN B 137 -10.75 23.57 -2.59
N LEU B 138 -9.55 23.06 -2.34
CA LEU B 138 -8.98 22.02 -3.20
C LEU B 138 -9.81 20.75 -3.10
N GLU B 139 -10.26 20.42 -1.88
CA GLU B 139 -11.12 19.25 -1.71
C GLU B 139 -12.42 19.42 -2.47
N TRP B 140 -13.06 20.59 -2.34
CA TRP B 140 -14.27 20.87 -3.10
C TRP B 140 -14.01 20.71 -4.59
N MET B 141 -12.89 21.23 -5.08
CA MET B 141 -12.57 21.12 -6.50
C MET B 141 -12.51 19.65 -6.95
N VAL B 142 -11.80 18.81 -6.19
CA VAL B 142 -11.67 17.42 -6.64
C VAL B 142 -13.00 16.68 -6.49
N GLN B 143 -13.79 17.01 -5.47
CA GLN B 143 -15.10 16.37 -5.31
C GLN B 143 -16.03 16.74 -6.45
N LEU B 144 -16.06 18.01 -6.81
CA LEU B 144 -16.85 18.46 -7.95
C LEU B 144 -16.46 17.71 -9.22
N CYS B 145 -15.19 17.33 -9.34
CA CYS B 145 -14.69 16.58 -10.48
C CYS B 145 -14.83 15.08 -10.31
N GLY B 146 -15.60 14.62 -9.31
CA GLY B 146 -15.98 13.23 -9.18
C GLY B 146 -15.16 12.39 -8.21
N ALA B 147 -14.14 12.95 -7.57
CA ALA B 147 -13.33 12.19 -6.63
C ALA B 147 -14.02 12.03 -5.28
N SER B 148 -13.65 10.96 -4.59
CA SER B 148 -13.98 10.78 -3.18
C SER B 148 -12.89 11.46 -2.37
N VAL B 149 -13.29 12.37 -1.49
CA VAL B 149 -12.36 13.10 -0.65
C VAL B 149 -12.06 12.27 0.59
N VAL B 150 -10.80 11.96 0.80
CA VAL B 150 -10.32 11.21 1.96
C VAL B 150 -9.55 12.17 2.85
N LYS B 151 -9.94 12.24 4.12
CA LYS B 151 -9.33 13.24 4.98
C LYS B 151 -8.01 12.75 5.56
N GLU B 152 -7.93 11.48 5.94
N GLU B 152 -7.92 11.48 5.95
CA GLU B 152 -6.77 10.89 6.57
CA GLU B 152 -6.73 10.93 6.58
C GLU B 152 -6.26 9.75 5.71
C GLU B 152 -6.25 9.73 5.79
N LEU B 153 -4.93 9.58 5.72
CA LEU B 153 -4.33 8.52 4.92
C LEU B 153 -4.85 7.15 5.32
N SER B 154 -5.13 6.95 6.60
CA SER B 154 -5.62 5.66 7.07
C SER B 154 -7.04 5.36 6.60
N SER B 155 -7.73 6.32 6.00
CA SER B 155 -9.11 6.14 5.57
C SER B 155 -9.24 5.83 4.09
N PHE B 156 -8.14 5.55 3.40
CA PHE B 156 -8.24 5.04 2.06
C PHE B 156 -8.92 3.67 2.09
N THR B 157 -9.75 3.41 1.10
CA THR B 157 -10.40 2.11 0.99
C THR B 157 -9.39 1.02 0.66
N HIS B 163 -8.25 3.07 -6.22
N HIS B 163 -8.78 3.60 -6.60
CA HIS B 163 -7.22 3.97 -6.76
CA HIS B 163 -7.38 3.97 -6.71
C HIS B 163 -7.02 5.19 -5.86
C HIS B 163 -7.08 5.19 -5.83
N PRO B 164 -6.21 5.02 -4.83
CA PRO B 164 -5.90 6.13 -3.92
C PRO B 164 -4.81 7.02 -4.49
N ILE B 165 -4.92 8.31 -4.19
CA ILE B 165 -3.92 9.30 -4.58
C ILE B 165 -3.77 10.29 -3.44
N VAL B 166 -2.52 10.55 -3.05
CA VAL B 166 -2.17 11.59 -2.09
C VAL B 166 -1.67 12.81 -2.87
N VAL B 167 -2.26 13.97 -2.62
CA VAL B 167 -1.89 15.21 -3.28
C VAL B 167 -1.23 16.13 -2.26
N VAL B 168 -0.02 16.62 -2.58
CA VAL B 168 0.71 17.53 -1.72
C VAL B 168 1.27 18.67 -2.55
N GLN B 169 1.62 19.75 -1.87
CA GLN B 169 2.29 20.90 -2.45
C GLN B 169 3.69 20.97 -1.85
N PRO B 170 4.71 20.37 -2.50
CA PRO B 170 6.03 20.28 -1.85
C PRO B 170 6.60 21.60 -1.35
N ASP B 171 6.43 22.68 -2.11
CA ASP B 171 7.03 23.93 -1.68
C ASP B 171 6.37 24.48 -0.44
N ALA B 172 5.17 23.99 -0.09
CA ALA B 172 4.53 24.44 1.13
C ALA B 172 5.06 23.75 2.38
N TRP B 173 5.78 22.64 2.23
CA TRP B 173 6.37 21.95 3.37
C TRP B 173 7.62 22.66 3.88
N THR B 174 8.09 23.70 3.18
CA THR B 174 9.26 24.49 3.58
C THR B 174 10.40 23.61 4.07
N GLU B 175 10.70 23.66 5.37
CA GLU B 175 11.87 22.95 5.91
C GLU B 175 11.69 21.44 5.94
N ASP B 176 10.45 20.97 5.96
CA ASP B 176 10.11 19.57 6.27
C ASP B 176 10.16 18.73 4.99
N ASN B 177 11.02 17.71 4.95
CA ASN B 177 11.13 16.83 3.79
C ASN B 177 10.26 15.58 3.91
N GLY B 178 9.28 15.58 4.81
CA GLY B 178 8.46 14.42 5.07
C GLY B 178 7.55 14.01 3.92
N PHE B 179 7.36 14.87 2.92
CA PHE B 179 6.60 14.46 1.75
C PHE B 179 7.27 13.36 0.95
N HIS B 180 8.54 13.06 1.21
CA HIS B 180 9.22 11.90 0.65
C HIS B 180 9.04 10.62 1.49
N ALA B 181 8.44 10.72 2.69
CA ALA B 181 8.29 9.59 3.60
C ALA B 181 6.87 9.08 3.68
N ILE B 182 5.94 9.66 2.91
CA ILE B 182 4.55 9.22 2.96
C ILE B 182 4.43 7.76 2.56
N GLY B 183 5.20 7.34 1.56
CA GLY B 183 5.18 5.96 1.11
C GLY B 183 5.54 4.95 2.17
N GLN B 184 6.27 5.37 3.22
CA GLN B 184 6.59 4.46 4.31
C GLN B 184 5.37 4.18 5.18
N MET B 185 4.35 5.04 5.12
N MET B 185 4.33 5.02 5.11
CA MET B 185 3.12 4.90 5.88
CA MET B 185 3.13 4.79 5.91
C MET B 185 1.94 4.43 5.06
C MET B 185 1.87 4.77 5.05
N CYS B 186 2.00 4.58 3.74
CA CYS B 186 0.82 4.50 2.90
C CYS B 186 1.23 4.08 1.49
N GLU B 187 0.47 3.18 0.89
CA GLU B 187 0.83 2.58 -0.39
C GLU B 187 0.39 3.41 -1.59
N ALA B 188 -0.12 4.53 -1.39
CA ALA B 188 -0.72 5.26 -2.49
C ALA B 188 0.31 6.14 -3.21
N PRO B 189 0.18 6.33 -4.51
CA PRO B 189 1.04 7.30 -5.17
C PRO B 189 0.83 8.70 -4.58
N VAL B 190 1.92 9.45 -4.54
CA VAL B 190 1.95 10.83 -4.06
C VAL B 190 2.27 11.73 -5.25
N VAL B 191 1.42 12.70 -5.52
CA VAL B 191 1.60 13.64 -6.61
C VAL B 191 1.53 15.07 -6.10
N THR B 192 2.07 15.99 -6.90
CA THR B 192 1.97 17.42 -6.61
C THR B 192 0.56 17.94 -6.92
N ARG B 193 0.24 19.09 -6.31
CA ARG B 193 -1.03 19.75 -6.53
C ARG B 193 -1.23 20.11 -7.99
N GLU B 194 -0.13 20.33 -8.73
CA GLU B 194 -0.22 20.61 -10.16
C GLU B 194 -0.96 19.50 -10.91
N TRP B 195 -0.88 18.26 -10.42
CA TRP B 195 -1.65 17.19 -11.06
C TRP B 195 -3.13 17.51 -11.04
N VAL B 196 -3.64 17.98 -9.90
CA VAL B 196 -5.06 18.37 -9.82
C VAL B 196 -5.32 19.58 -10.72
N LEU B 197 -4.49 20.62 -10.58
CA LEU B 197 -4.80 21.87 -11.25
C LEU B 197 -4.75 21.72 -12.77
N ASP B 198 -3.75 21.02 -13.29
CA ASP B 198 -3.65 20.81 -14.74
C ASP B 198 -4.82 19.97 -15.22
N SER B 199 -5.17 18.93 -14.47
CA SER B 199 -6.29 18.06 -14.85
C SER B 199 -7.59 18.84 -14.90
N VAL B 200 -7.83 19.68 -13.90
CA VAL B 200 -9.07 20.45 -13.86
C VAL B 200 -9.12 21.45 -15.01
N ALA B 201 -8.05 22.22 -15.20
CA ALA B 201 -8.02 23.22 -16.27
C ALA B 201 -8.30 22.60 -17.64
N LEU B 202 -7.65 21.48 -17.94
CA LEU B 202 -7.85 20.80 -19.21
C LEU B 202 -9.13 19.97 -19.24
N TYR B 203 -9.82 19.86 -18.11
CA TYR B 203 -10.86 18.85 -17.87
C TYR B 203 -10.52 17.51 -18.52
N GLN B 204 -9.36 16.99 -18.11
CA GLN B 204 -8.82 15.73 -18.61
C GLN B 204 -7.92 15.20 -17.51
N CYS B 205 -8.21 14.02 -16.97
CA CYS B 205 -7.34 13.46 -15.93
C CYS B 205 -5.97 13.16 -16.51
N GLN B 206 -4.95 13.79 -15.94
CA GLN B 206 -3.59 13.60 -16.45
C GLN B 206 -3.00 12.31 -15.88
N GLU B 207 -2.10 11.72 -16.65
CA GLU B 207 -1.24 10.66 -16.11
C GLU B 207 -0.46 11.20 -14.92
N LEU B 208 -0.23 10.32 -13.93
CA LEU B 208 0.49 10.75 -12.73
C LEU B 208 1.97 10.97 -12.96
N ASP B 209 2.51 10.38 -14.04
CA ASP B 209 3.95 10.18 -14.18
C ASP B 209 4.77 11.43 -13.84
N THR B 210 4.50 12.57 -14.51
CA THR B 210 5.36 13.74 -14.32
C THR B 210 5.09 14.48 -13.02
N TYR B 211 4.06 14.09 -12.28
CA TYR B 211 3.70 14.74 -11.03
C TYR B 211 4.07 13.93 -9.81
N LEU B 212 4.51 12.69 -9.99
CA LEU B 212 4.75 11.83 -8.84
C LEU B 212 5.92 12.36 -8.04
N ILE B 213 5.81 12.26 -6.72
CA ILE B 213 6.91 12.57 -5.82
C ILE B 213 7.55 11.25 -5.43
N PRO B 214 8.76 10.96 -5.87
CA PRO B 214 9.36 9.67 -5.52
C PRO B 214 9.59 9.60 -4.02
N GLN B 215 9.31 8.44 -3.45
CA GLN B 215 9.34 8.22 -2.02
C GLN B 215 10.59 7.43 -1.62
N ILE B 216 11.04 7.67 -0.40
CA ILE B 216 12.22 6.98 0.15
C ILE B 216 11.76 5.69 0.78
N PRO B 217 12.38 4.54 0.46
CA PRO B 217 11.99 3.27 1.10
C PRO B 217 12.12 3.32 2.62
N MET C 8 -41.90 13.01 14.31
N MET C 8 -41.88 13.05 14.27
CA MET C 8 -40.47 13.09 13.97
CA MET C 8 -40.45 13.08 13.97
C MET C 8 -39.67 13.80 15.08
C MET C 8 -39.65 13.81 15.06
N SER C 9 -38.51 13.23 15.43
CA SER C 9 -37.66 13.80 16.47
C SER C 9 -36.22 13.50 16.12
N MET C 10 -35.40 14.55 16.07
CA MET C 10 -34.05 14.47 15.52
C MET C 10 -33.02 14.83 16.58
N VAL C 11 -31.84 14.23 16.46
CA VAL C 11 -30.61 14.77 17.04
C VAL C 11 -29.69 15.09 15.87
N VAL C 12 -28.67 15.92 16.13
CA VAL C 12 -27.62 16.22 15.16
C VAL C 12 -26.27 15.77 15.71
N SER C 13 -25.33 15.50 14.80
CA SER C 13 -23.99 15.09 15.21
C SER C 13 -22.94 15.69 14.27
N GLY C 14 -21.90 16.30 14.87
CA GLY C 14 -20.78 16.82 14.11
C GLY C 14 -20.99 18.19 13.52
N LEU C 15 -22.03 18.93 13.95
CA LEU C 15 -22.40 20.21 13.36
C LEU C 15 -21.80 21.37 14.15
N THR C 16 -21.54 22.46 13.42
CA THR C 16 -21.20 23.73 14.04
C THR C 16 -22.46 24.43 14.52
N PRO C 17 -22.30 25.50 15.33
CA PRO C 17 -23.50 26.25 15.76
C PRO C 17 -24.30 26.84 14.59
N GLU C 18 -23.62 27.37 13.58
CA GLU C 18 -24.35 27.89 12.43
C GLU C 18 -25.17 26.79 11.76
N GLU C 19 -24.58 25.61 11.61
CA GLU C 19 -25.30 24.48 11.03
C GLU C 19 -26.48 24.03 11.90
N PHE C 20 -26.30 23.92 13.23
N PHE C 20 -26.25 23.92 13.22
CA PHE C 20 -27.46 23.46 14.00
CA PHE C 20 -27.30 23.56 14.18
C PHE C 20 -28.54 24.54 14.11
C PHE C 20 -28.48 24.52 14.06
N MET C 21 -28.20 25.82 13.95
CA MET C 21 -29.26 26.82 13.83
C MET C 21 -30.08 26.60 12.57
N LEU C 22 -29.43 26.22 11.47
CA LEU C 22 -30.17 25.90 10.24
C LEU C 22 -31.03 24.66 10.44
N VAL C 23 -30.52 23.64 11.14
CA VAL C 23 -31.35 22.48 11.47
C VAL C 23 -32.59 22.92 12.24
N TYR C 24 -32.41 23.83 13.21
CA TYR C 24 -33.56 24.29 13.99
C TYR C 24 -34.56 25.09 13.16
N LYS C 25 -34.10 25.84 12.15
CA LYS C 25 -35.01 26.51 11.23
C LYS C 25 -35.84 25.49 10.46
N PHE C 26 -35.18 24.45 9.94
CA PHE C 26 -35.86 23.36 9.25
C PHE C 26 -36.84 22.65 10.17
N ALA C 27 -36.43 22.41 11.42
CA ALA C 27 -37.28 21.69 12.36
C ALA C 27 -38.55 22.47 12.66
N ARG C 28 -38.43 23.79 12.82
CA ARG C 28 -39.62 24.60 13.07
C ARG C 28 -40.53 24.63 11.86
N LYS C 29 -39.96 24.77 10.66
CA LYS C 29 -40.77 24.80 9.45
C LYS C 29 -41.59 23.53 9.29
N HIS C 30 -41.03 22.37 9.64
CA HIS C 30 -41.66 21.08 9.37
C HIS C 30 -42.18 20.38 10.63
N HIS C 31 -42.23 21.07 11.77
N HIS C 31 -42.24 21.12 11.74
CA HIS C 31 -42.87 20.51 12.95
CA HIS C 31 -42.76 20.64 13.02
C HIS C 31 -42.13 19.27 13.47
C HIS C 31 -42.12 19.31 13.41
N ILE C 32 -40.81 19.38 13.57
CA ILE C 32 -39.95 18.27 13.99
C ILE C 32 -39.30 18.66 15.32
N THR C 33 -39.30 17.75 16.27
CA THR C 33 -38.60 17.99 17.53
C THR C 33 -37.09 17.84 17.33
N LEU C 34 -36.31 18.68 18.02
CA LEU C 34 -34.85 18.59 18.01
C LEU C 34 -34.38 18.51 19.45
N THR C 35 -33.63 17.45 19.81
CA THR C 35 -33.11 17.26 21.16
C THR C 35 -31.60 17.16 21.14
N ASN C 36 -30.99 17.40 22.30
CA ASN C 36 -29.54 17.33 22.41
C ASN C 36 -29.06 15.90 22.53
N LEU C 37 -29.82 15.03 23.20
CA LEU C 37 -29.43 13.65 23.42
C LEU C 37 -30.40 12.72 22.73
N ILE C 38 -29.86 11.61 22.25
CA ILE C 38 -30.67 10.61 21.57
C ILE C 38 -31.45 9.81 22.62
N THR C 39 -32.67 9.44 22.24
CA THR C 39 -33.53 8.62 23.10
C THR C 39 -34.21 7.58 22.21
N GLU C 40 -34.95 6.67 22.84
CA GLU C 40 -35.72 5.71 22.04
C GLU C 40 -36.75 6.41 21.16
N GLU C 41 -37.21 7.62 21.54
CA GLU C 41 -38.16 8.38 20.72
C GLU C 41 -37.52 9.09 19.53
N THR C 42 -36.21 9.20 19.48
CA THR C 42 -35.57 9.80 18.31
C THR C 42 -35.90 8.97 17.06
N THR C 43 -36.27 9.65 15.98
CA THR C 43 -36.51 9.00 14.71
C THR C 43 -35.38 9.22 13.71
N HIS C 44 -34.62 10.32 13.86
CA HIS C 44 -33.63 10.75 12.88
C HIS C 44 -32.36 11.22 13.59
N VAL C 45 -31.20 10.80 13.04
CA VAL C 45 -29.89 11.31 13.42
C VAL C 45 -29.31 12.01 12.20
N VAL C 46 -29.06 13.31 12.33
CA VAL C 46 -28.57 14.12 11.21
C VAL C 46 -27.07 14.29 11.40
N MET C 47 -26.30 13.65 10.54
CA MET C 47 -24.84 13.57 10.63
C MET C 47 -24.20 14.58 9.69
N LYS C 48 -23.15 15.26 10.15
CA LYS C 48 -22.27 15.95 9.21
C LYS C 48 -21.67 14.91 8.28
N THR C 49 -21.69 15.17 6.98
CA THR C 49 -21.05 14.28 6.02
C THR C 49 -20.34 15.08 4.93
N ASP C 50 -19.57 14.36 4.12
CA ASP C 50 -19.12 14.87 2.85
C ASP C 50 -20.21 14.70 1.81
N ALA C 51 -19.91 15.08 0.57
CA ALA C 51 -20.92 15.08 -0.48
C ALA C 51 -21.31 13.67 -0.93
N GLU C 52 -20.57 12.65 -0.52
CA GLU C 52 -20.93 11.25 -0.76
C GLU C 52 -21.54 10.59 0.48
N PHE C 53 -21.98 11.39 1.46
CA PHE C 53 -22.70 10.91 2.64
C PHE C 53 -21.86 9.98 3.50
N VAL C 54 -20.57 10.29 3.60
CA VAL C 54 -19.66 9.61 4.51
C VAL C 54 -19.46 10.50 5.72
N CYS C 55 -19.60 9.93 6.91
CA CYS C 55 -19.46 10.67 8.17
C CYS C 55 -18.28 10.15 8.99
N GLU C 56 -18.00 10.85 10.08
CA GLU C 56 -17.17 10.34 11.16
C GLU C 56 -18.05 9.59 12.16
N ARG C 57 -17.46 8.61 12.85
CA ARG C 57 -18.22 7.79 13.78
C ARG C 57 -18.30 8.49 15.12
N THR C 58 -19.51 8.81 15.55
CA THR C 58 -19.82 9.35 16.87
C THR C 58 -20.79 8.42 17.60
N LEU C 59 -20.97 8.68 18.88
CA LEU C 59 -21.94 7.90 19.66
C LEU C 59 -23.34 7.96 19.02
N LYS C 60 -23.77 9.15 18.58
CA LYS C 60 -25.10 9.26 17.99
C LYS C 60 -25.21 8.44 16.69
N TYR C 61 -24.14 8.39 15.90
CA TYR C 61 -24.13 7.49 14.74
C TYR C 61 -24.40 6.04 15.14
N PHE C 62 -23.61 5.53 16.09
CA PHE C 62 -23.77 4.14 16.49
C PHE C 62 -25.16 3.87 17.04
N LEU C 63 -25.67 4.75 17.90
CA LEU C 63 -26.98 4.49 18.52
C LEU C 63 -28.11 4.63 17.52
N GLY C 64 -27.97 5.53 16.55
CA GLY C 64 -28.96 5.62 15.49
C GLY C 64 -29.05 4.35 14.69
N ILE C 65 -27.90 3.79 14.29
CA ILE C 65 -27.89 2.52 13.56
C ILE C 65 -28.45 1.41 14.46
N ALA C 66 -27.96 1.34 15.70
CA ALA C 66 -28.39 0.29 16.61
C ALA C 66 -29.90 0.27 16.81
N GLY C 67 -30.54 1.44 16.79
CA GLY C 67 -31.97 1.54 16.91
C GLY C 67 -32.72 1.47 15.60
N GLY C 68 -32.02 1.26 14.48
CA GLY C 68 -32.69 1.19 13.19
C GLY C 68 -33.36 2.49 12.78
N LYS C 69 -32.78 3.61 13.17
CA LYS C 69 -33.34 4.91 12.87
C LYS C 69 -32.91 5.40 11.49
N TRP C 70 -33.46 6.53 11.09
CA TRP C 70 -32.96 7.25 9.92
C TRP C 70 -31.66 7.95 10.29
N VAL C 71 -30.57 7.58 9.65
CA VAL C 71 -29.28 8.23 9.85
C VAL C 71 -28.99 8.91 8.52
N VAL C 72 -29.12 10.23 8.49
CA VAL C 72 -29.11 11.00 7.25
C VAL C 72 -28.08 12.11 7.29
N SER C 73 -27.61 12.49 6.12
CA SER C 73 -26.69 13.61 5.97
C SER C 73 -27.38 14.93 6.30
N TYR C 74 -26.58 15.86 6.86
CA TYR C 74 -26.98 17.25 7.01
C TYR C 74 -27.36 17.92 5.69
N PHE C 75 -26.91 17.38 4.54
CA PHE C 75 -27.36 17.87 3.24
C PHE C 75 -28.87 17.68 3.05
N TRP C 76 -29.49 16.74 3.76
CA TRP C 76 -30.94 16.64 3.74
C TRP C 76 -31.57 17.92 4.21
N VAL C 77 -31.00 18.53 5.27
CA VAL C 77 -31.49 19.79 5.79
C VAL C 77 -31.17 20.94 4.83
N THR C 78 -29.92 21.08 4.41
CA THR C 78 -29.58 22.23 3.58
C THR C 78 -30.30 22.19 2.25
N GLN C 79 -30.42 21.01 1.66
CA GLN C 79 -31.09 20.92 0.36
C GLN C 79 -32.60 21.09 0.52
N SER C 80 -33.17 20.64 1.64
CA SER C 80 -34.59 20.88 1.89
C SER C 80 -34.87 22.36 2.05
N ILE C 81 -34.01 23.09 2.76
CA ILE C 81 -34.17 24.53 2.90
C ILE C 81 -34.11 25.19 1.53
N LYS C 82 -33.13 24.80 0.72
CA LYS C 82 -32.98 25.40 -0.61
C LYS C 82 -34.22 25.16 -1.46
N GLU C 83 -34.77 23.95 -1.41
CA GLU C 83 -35.88 23.59 -2.29
C GLU C 83 -37.23 23.89 -1.67
N ARG C 84 -37.24 24.39 -0.43
CA ARG C 84 -38.44 24.87 0.24
C ARG C 84 -39.44 23.76 0.51
N LYS C 85 -38.95 22.54 0.73
CA LYS C 85 -39.80 21.40 1.03
C LYS C 85 -38.95 20.32 1.67
N MET C 86 -39.57 19.47 2.48
CA MET C 86 -38.84 18.38 3.10
C MET C 86 -38.57 17.30 2.06
N LEU C 87 -37.31 17.06 1.80
CA LEU C 87 -36.90 16.05 0.82
C LEU C 87 -36.94 14.65 1.45
N ASN C 88 -36.64 13.65 0.63
CA ASN C 88 -36.82 12.25 1.01
C ASN C 88 -35.55 11.71 1.66
N GLU C 89 -35.69 11.17 2.88
CA GLU C 89 -34.57 10.61 3.61
C GLU C 89 -33.79 9.57 2.83
N HIS C 90 -34.47 8.81 1.97
CA HIS C 90 -33.79 7.77 1.20
C HIS C 90 -32.66 8.35 0.37
N ASP C 91 -32.81 9.59 -0.10
CA ASP C 91 -31.86 10.23 -1.00
C ASP C 91 -30.69 10.88 -0.25
N PHE C 92 -30.71 10.83 1.07
CA PHE C 92 -29.68 11.45 1.88
C PHE C 92 -29.16 10.53 2.98
N GLU C 93 -29.50 9.26 2.94
CA GLU C 93 -29.10 8.33 3.97
C GLU C 93 -27.59 8.17 4.00
N VAL C 94 -27.02 8.18 5.20
CA VAL C 94 -25.58 8.01 5.35
C VAL C 94 -25.15 6.67 4.78
N ARG C 95 -24.11 6.70 3.93
CA ARG C 95 -23.64 5.51 3.22
C ARG C 95 -22.48 4.81 3.90
N GLY C 96 -21.73 5.50 4.76
CA GLY C 96 -20.57 4.91 5.35
C GLY C 96 -19.85 5.93 6.21
N ASP C 97 -18.65 5.56 6.62
CA ASP C 97 -17.87 6.38 7.55
C ASP C 97 -16.38 6.19 7.26
N VAL C 98 -15.57 7.02 7.92
CA VAL C 98 -14.14 7.09 7.62
C VAL C 98 -13.35 5.91 8.17
N VAL C 99 -13.98 5.00 8.93
CA VAL C 99 -13.29 3.83 9.50
C VAL C 99 -13.67 2.53 8.78
N ASN C 100 -14.98 2.27 8.64
CA ASN C 100 -15.46 0.97 8.21
C ASN C 100 -15.79 0.86 6.74
N GLY C 101 -15.68 1.95 5.99
CA GLY C 101 -15.95 1.90 4.55
C GLY C 101 -16.88 3.01 4.13
N ARG C 102 -16.66 3.55 2.96
CA ARG C 102 -17.42 4.69 2.48
C ARG C 102 -18.80 4.32 1.99
N ASN C 103 -19.06 3.05 1.71
CA ASN C 103 -20.33 2.68 1.10
C ASN C 103 -20.82 1.34 1.61
N HIS C 104 -20.66 1.08 2.91
CA HIS C 104 -21.14 -0.16 3.51
C HIS C 104 -22.65 -0.19 3.71
N GLN C 105 -23.29 0.98 3.71
CA GLN C 105 -24.75 1.09 3.86
C GLN C 105 -25.27 0.38 5.11
N GLY C 106 -24.48 0.44 6.19
CA GLY C 106 -24.92 -0.06 7.47
C GLY C 106 -26.19 0.57 7.98
N PRO C 107 -26.39 1.89 7.86
CA PRO C 107 -27.67 2.49 8.31
C PRO C 107 -28.89 1.88 7.60
N LYS C 108 -28.83 1.73 6.29
CA LYS C 108 -29.93 1.10 5.56
C LYS C 108 -30.09 -0.36 5.98
N ARG C 109 -28.97 -1.07 6.12
N ARG C 109 -28.97 -1.08 6.13
CA ARG C 109 -29.03 -2.47 6.56
CA ARG C 109 -29.06 -2.47 6.55
C ARG C 109 -29.71 -2.60 7.91
C ARG C 109 -29.74 -2.59 7.91
N ALA C 110 -29.40 -1.72 8.85
CA ALA C 110 -30.02 -1.76 10.16
C ALA C 110 -31.51 -1.45 10.08
N ARG C 111 -31.91 -0.46 9.26
CA ARG C 111 -33.33 -0.18 9.10
C ARG C 111 -34.08 -1.40 8.61
N GLU C 112 -33.44 -2.21 7.77
CA GLU C 112 -34.08 -3.33 7.10
C GLU C 112 -33.88 -4.68 7.80
N SER C 113 -33.10 -4.75 8.88
CA SER C 113 -32.70 -6.03 9.44
C SER C 113 -33.04 -6.18 10.93
N GLN C 114 -34.03 -5.44 11.42
CA GLN C 114 -34.32 -5.54 12.84
C GLN C 114 -34.94 -6.87 13.24
N ASP C 115 -35.32 -7.71 12.27
CA ASP C 115 -35.77 -9.06 12.57
C ASP C 115 -34.61 -10.04 12.77
N ARG C 116 -33.37 -9.57 12.63
N ARG C 116 -33.37 -9.61 12.54
CA ARG C 116 -32.18 -10.41 12.67
CA ARG C 116 -32.19 -10.47 12.73
C ARG C 116 -31.07 -9.57 13.30
C ARG C 116 -31.08 -9.60 13.34
N LYS C 117 -31.19 -9.33 14.61
N LYS C 117 -31.29 -9.17 14.57
CA LYS C 117 -30.33 -8.34 15.25
CA LYS C 117 -30.34 -8.24 15.17
C LYS C 117 -28.92 -8.88 15.41
C LYS C 117 -28.95 -8.87 15.26
N ILE C 118 -27.92 -8.02 15.18
CA ILE C 118 -26.57 -8.51 14.97
C ILE C 118 -26.01 -9.23 16.18
N PHE C 119 -26.42 -8.84 17.39
CA PHE C 119 -25.92 -9.48 18.61
C PHE C 119 -26.95 -10.43 19.24
N ARG C 120 -27.95 -10.86 18.49
CA ARG C 120 -28.88 -11.83 19.05
C ARG C 120 -28.12 -13.06 19.54
N GLY C 121 -28.55 -13.62 20.67
CA GLY C 121 -27.91 -14.81 21.19
C GLY C 121 -26.58 -14.58 21.85
N LEU C 122 -26.21 -13.34 22.12
CA LEU C 122 -24.96 -13.01 22.81
C LEU C 122 -25.25 -12.37 24.16
N GLU C 123 -24.37 -12.66 25.12
CA GLU C 123 -24.27 -11.96 26.39
C GLU C 123 -22.96 -11.21 26.38
N ILE C 124 -22.99 -9.92 26.72
CA ILE C 124 -21.81 -9.08 26.62
C ILE C 124 -21.58 -8.37 27.94
N CYS C 125 -20.35 -8.45 28.43
CA CYS C 125 -19.91 -7.71 29.60
C CYS C 125 -18.94 -6.64 29.14
N CYS C 126 -19.31 -5.38 29.35
CA CYS C 126 -18.47 -4.24 28.98
C CYS C 126 -17.63 -3.97 30.22
N TYR C 127 -16.39 -4.46 30.20
CA TYR C 127 -15.59 -4.65 31.40
C TYR C 127 -14.42 -3.68 31.44
N GLY C 128 -14.17 -3.11 32.63
CA GLY C 128 -13.03 -2.24 32.81
C GLY C 128 -13.31 -0.82 32.41
N PRO C 129 -12.26 0.01 32.39
CA PRO C 129 -12.45 1.43 32.03
C PRO C 129 -12.62 1.64 30.54
N PHE C 130 -13.32 2.71 30.20
CA PHE C 130 -13.48 3.15 28.82
C PHE C 130 -13.24 4.65 28.73
N THR C 131 -12.95 5.13 27.53
CA THR C 131 -12.89 6.56 27.31
C THR C 131 -13.89 6.99 26.24
N ASN C 132 -14.30 8.26 26.34
CA ASN C 132 -15.11 8.97 25.35
C ASN C 132 -16.52 8.44 25.11
N MET C 133 -16.88 7.33 25.72
CA MET C 133 -18.18 6.70 25.54
C MET C 133 -18.51 6.05 26.87
N PRO C 134 -19.45 6.60 27.62
CA PRO C 134 -19.77 6.03 28.93
C PRO C 134 -20.19 4.58 28.79
N THR C 135 -19.82 3.78 29.78
CA THR C 135 -20.15 2.36 29.79
C THR C 135 -21.63 2.10 29.55
N ASP C 136 -22.50 2.87 30.21
CA ASP C 136 -23.94 2.63 30.06
C ASP C 136 -24.40 2.87 28.64
N GLN C 137 -23.70 3.70 27.88
CA GLN C 137 -24.06 3.97 26.49
C GLN C 137 -23.61 2.84 25.58
N LEU C 138 -22.45 2.25 25.87
CA LEU C 138 -22.02 1.07 25.13
C LEU C 138 -22.95 -0.11 25.42
N GLU C 139 -23.35 -0.23 26.69
CA GLU C 139 -24.30 -1.28 27.07
C GLU C 139 -25.64 -1.09 26.35
N TRP C 140 -26.13 0.13 26.32
CA TRP C 140 -27.38 0.39 25.61
C TRP C 140 -27.25 0.00 24.13
N MET C 141 -26.13 0.38 23.52
CA MET C 141 -25.86 0.06 22.12
C MET C 141 -25.98 -1.44 21.87
N VAL C 142 -25.32 -2.25 22.69
CA VAL C 142 -25.34 -3.70 22.46
C VAL C 142 -26.71 -4.29 22.74
N GLN C 143 -27.43 -3.76 23.74
CA GLN C 143 -28.78 -4.21 24.04
C GLN C 143 -29.73 -3.91 22.89
N LEU C 144 -29.62 -2.71 22.29
CA LEU C 144 -30.42 -2.37 21.12
C LEU C 144 -30.20 -3.38 20.00
N CYS C 145 -28.98 -3.91 19.90
CA CYS C 145 -28.62 -4.87 18.87
C CYS C 145 -28.89 -6.32 19.29
N GLY C 146 -29.63 -6.53 20.37
CA GLY C 146 -30.12 -7.85 20.74
C GLY C 146 -29.31 -8.56 21.78
N ALA C 147 -28.20 -7.98 22.26
CA ALA C 147 -27.42 -8.64 23.31
C ALA C 147 -28.05 -8.49 24.68
N SER C 148 -27.75 -9.46 25.54
CA SER C 148 -28.04 -9.38 26.96
C SER C 148 -26.81 -8.81 27.67
N VAL C 149 -27.03 -7.79 28.47
CA VAL C 149 -25.96 -7.07 29.16
C VAL C 149 -25.66 -7.77 30.47
N VAL C 150 -24.38 -8.03 30.69
CA VAL C 150 -23.88 -8.72 31.88
C VAL C 150 -22.95 -7.75 32.60
N LYS C 151 -23.15 -7.59 33.91
CA LYS C 151 -22.41 -6.54 34.63
C LYS C 151 -21.18 -7.04 35.36
N GLU C 152 -21.08 -8.34 35.63
CA GLU C 152 -19.95 -8.92 36.33
C GLU C 152 -19.55 -10.19 35.59
N LEU C 153 -18.24 -10.49 35.59
CA LEU C 153 -17.76 -11.64 34.85
C LEU C 153 -18.34 -12.95 35.39
N SER C 154 -18.65 -13.00 36.68
CA SER C 154 -19.21 -14.21 37.29
C SER C 154 -20.66 -14.45 36.90
N SER C 155 -21.29 -13.50 36.20
CA SER C 155 -22.72 -13.57 35.91
C SER C 155 -23.06 -14.10 34.54
N PHE C 156 -22.07 -14.51 33.75
CA PHE C 156 -22.37 -15.08 32.46
C PHE C 156 -23.14 -16.39 32.60
N THR C 157 -24.05 -16.61 31.66
CA THR C 157 -24.76 -17.88 31.56
C THR C 157 -23.87 -18.93 30.93
N LEU C 158 -24.00 -20.16 31.40
CA LEU C 158 -23.33 -21.31 30.78
C LEU C 158 -24.44 -22.10 30.11
N GLY C 159 -24.54 -21.97 28.79
CA GLY C 159 -25.67 -22.60 28.14
C GLY C 159 -25.51 -22.69 26.64
N THR C 160 -26.52 -23.27 26.02
CA THR C 160 -26.53 -23.45 24.58
C THR C 160 -27.42 -22.43 23.87
N GLY C 161 -28.09 -21.56 24.63
CA GLY C 161 -28.98 -20.57 24.06
C GLY C 161 -28.39 -19.20 23.99
N VAL C 162 -27.16 -19.04 24.48
CA VAL C 162 -26.49 -17.74 24.46
C VAL C 162 -25.01 -18.03 24.60
N HIS C 163 -24.18 -17.12 24.10
CA HIS C 163 -22.74 -17.24 24.18
C HIS C 163 -22.16 -15.96 24.75
N PRO C 164 -21.11 -16.02 25.57
CA PRO C 164 -20.56 -14.84 26.24
C PRO C 164 -19.41 -14.17 25.52
N ILE C 165 -19.33 -12.85 25.67
CA ILE C 165 -18.21 -12.08 25.14
C ILE C 165 -17.87 -11.00 26.16
N VAL C 166 -16.58 -10.83 26.44
CA VAL C 166 -16.09 -9.71 27.25
C VAL C 166 -15.51 -8.65 26.31
N VAL C 167 -15.95 -7.40 26.49
CA VAL C 167 -15.51 -6.28 25.67
C VAL C 167 -14.72 -5.34 26.55
N VAL C 168 -13.50 -5.01 26.11
CA VAL C 168 -12.62 -4.10 26.82
C VAL C 168 -11.98 -3.13 25.83
N GLN C 169 -11.47 -2.03 26.37
CA GLN C 169 -10.77 -1.01 25.61
C GLN C 169 -9.35 -0.94 26.17
N PRO C 170 -8.42 -1.74 25.64
CA PRO C 170 -7.09 -1.84 26.27
C PRO C 170 -6.40 -0.51 26.51
N ASP C 171 -6.51 0.44 25.57
N ASP C 171 -6.50 0.46 25.60
CA ASP C 171 -5.84 1.73 25.71
CA ASP C 171 -5.77 1.71 25.77
C ASP C 171 -6.28 2.45 26.99
C ASP C 171 -6.34 2.56 26.89
N ALA C 172 -7.51 2.21 27.44
CA ALA C 172 -8.03 2.88 28.62
C ALA C 172 -7.44 2.34 29.92
N TRP C 173 -6.78 1.17 29.87
CA TRP C 173 -6.18 0.57 31.05
C TRP C 173 -4.78 1.15 31.23
N THR C 174 -4.61 1.93 32.27
CA THR C 174 -3.37 2.61 32.52
C THR C 174 -2.60 2.03 33.71
N GLU C 175 -3.26 1.27 34.58
CA GLU C 175 -2.61 0.80 35.79
C GLU C 175 -1.86 -0.49 35.57
N ASP C 176 -2.38 -1.33 34.68
CA ASP C 176 -1.74 -2.61 34.43
C ASP C 176 -2.28 -3.13 33.12
N ASN C 177 -1.75 -4.27 32.74
CA ASN C 177 -2.24 -5.01 31.59
C ASN C 177 -3.18 -6.11 32.06
N GLY C 178 -4.02 -5.80 33.05
CA GLY C 178 -4.96 -6.75 33.60
C GLY C 178 -6.00 -7.23 32.60
N PHE C 179 -6.12 -6.56 31.46
CA PHE C 179 -6.97 -7.08 30.40
C PHE C 179 -6.42 -8.37 29.78
N HIS C 180 -5.13 -8.69 30.01
CA HIS C 180 -4.60 -9.99 29.66
C HIS C 180 -4.91 -11.07 30.70
N ALA C 181 -5.57 -10.71 31.82
CA ALA C 181 -5.80 -11.63 32.95
C ALA C 181 -7.28 -11.96 33.13
N ILE C 182 -8.13 -11.59 32.19
CA ILE C 182 -9.56 -11.83 32.32
C ILE C 182 -9.87 -13.31 32.18
N GLY C 183 -9.08 -14.05 31.38
CA GLY C 183 -9.27 -15.47 31.26
C GLY C 183 -9.26 -16.20 32.58
N GLN C 184 -8.61 -15.61 33.61
N GLN C 184 -8.61 -15.62 33.61
CA GLN C 184 -8.52 -16.22 34.92
CA GLN C 184 -8.54 -16.26 34.92
C GLN C 184 -9.84 -16.13 35.70
C GLN C 184 -9.88 -16.17 35.66
N MET C 185 -10.77 -15.28 35.26
CA MET C 185 -12.04 -15.07 35.94
C MET C 185 -13.25 -15.62 35.19
N CYS C 186 -13.17 -15.84 33.87
CA CYS C 186 -14.27 -16.43 33.13
C CYS C 186 -13.72 -17.11 31.88
N GLU C 187 -14.59 -17.86 31.19
CA GLU C 187 -14.15 -18.64 30.04
C GLU C 187 -14.50 -17.97 28.70
N ALA C 188 -14.88 -16.76 28.72
CA ALA C 188 -15.42 -16.10 27.53
C ALA C 188 -14.30 -15.50 26.69
N PRO C 189 -14.47 -15.40 25.38
CA PRO C 189 -13.52 -14.63 24.57
C PRO C 189 -13.52 -13.17 25.00
N VAL C 190 -12.33 -12.57 24.94
CA VAL C 190 -12.12 -11.17 25.29
C VAL C 190 -11.75 -10.43 24.02
N VAL C 191 -12.53 -9.40 23.68
CA VAL C 191 -12.31 -8.62 22.47
C VAL C 191 -12.27 -7.13 22.78
N THR C 192 -11.67 -6.40 21.85
CA THR C 192 -11.64 -4.95 21.95
C THR C 192 -13.01 -4.35 21.65
N ARG C 193 -13.19 -3.09 22.11
CA ARG C 193 -14.43 -2.37 21.86
C ARG C 193 -14.66 -2.14 20.37
N GLU C 194 -13.61 -2.12 19.56
CA GLU C 194 -13.78 -2.02 18.12
C GLU C 194 -14.60 -3.16 17.54
N TRP C 195 -14.62 -4.34 18.18
CA TRP C 195 -15.50 -5.40 17.69
C TRP C 195 -16.95 -4.91 17.71
N VAL C 196 -17.35 -4.26 18.80
CA VAL C 196 -18.71 -3.74 18.86
C VAL C 196 -18.90 -2.64 17.83
N LEU C 197 -18.01 -1.63 17.84
CA LEU C 197 -18.20 -0.44 17.02
C LEU C 197 -18.20 -0.77 15.53
N ASP C 198 -17.27 -1.64 15.09
CA ASP C 198 -17.25 -2.02 13.70
C ASP C 198 -18.51 -2.80 13.32
N SER C 199 -18.94 -3.72 14.20
CA SER C 199 -20.14 -4.51 13.91
C SER C 199 -21.37 -3.61 13.79
N VAL C 200 -21.52 -2.63 14.68
CA VAL C 200 -22.69 -1.74 14.66
C VAL C 200 -22.67 -0.88 13.40
N ALA C 201 -21.52 -0.26 13.10
CA ALA C 201 -21.44 0.63 11.94
C ALA C 201 -21.81 -0.09 10.65
N LEU C 202 -21.34 -1.33 10.49
CA LEU C 202 -21.64 -2.15 9.32
C LEU C 202 -23.02 -2.81 9.39
N TYR C 203 -23.64 -2.78 10.57
CA TYR C 203 -24.76 -3.64 10.95
C TYR C 203 -24.54 -5.07 10.46
N GLN C 204 -23.36 -5.60 10.79
CA GLN C 204 -22.98 -6.98 10.49
C GLN C 204 -22.11 -7.46 11.64
N CYS C 205 -22.51 -8.54 12.31
CA CYS C 205 -21.71 -9.05 13.42
C CYS C 205 -20.37 -9.56 12.90
N GLN C 206 -19.28 -8.92 13.31
CA GLN C 206 -17.97 -9.34 12.82
C GLN C 206 -17.49 -10.60 13.53
N GLU C 207 -16.66 -11.36 12.83
N GLU C 207 -16.66 -11.36 12.83
CA GLU C 207 -15.90 -12.43 13.48
CA GLU C 207 -15.94 -12.45 13.49
C GLU C 207 -15.04 -11.83 14.58
C GLU C 207 -15.01 -11.86 14.55
N LEU C 208 -14.78 -12.63 15.62
CA LEU C 208 -14.01 -12.14 16.73
C LEU C 208 -12.52 -12.05 16.44
N ASP C 209 -12.05 -12.79 15.43
CA ASP C 209 -10.63 -13.11 15.30
C ASP C 209 -9.72 -11.88 15.42
N THR C 210 -9.96 -10.85 14.60
CA THR C 210 -9.02 -9.73 14.57
C THR C 210 -9.15 -8.82 15.77
N TYR C 211 -10.11 -9.08 16.65
CA TYR C 211 -10.35 -8.29 17.85
C TYR C 211 -9.97 -9.02 19.13
N LEU C 212 -9.57 -10.29 19.04
CA LEU C 212 -9.34 -11.08 20.25
C LEU C 212 -8.09 -10.59 20.95
N ILE C 213 -8.18 -10.39 22.25
CA ILE C 213 -7.05 -10.00 23.08
C ILE C 213 -6.44 -11.27 23.64
N PRO C 214 -5.19 -11.60 23.31
CA PRO C 214 -4.56 -12.79 23.90
C PRO C 214 -4.57 -12.74 25.42
N GLN C 215 -4.98 -13.85 26.04
CA GLN C 215 -5.05 -13.95 27.48
C GLN C 215 -3.84 -14.71 28.02
N ILE C 216 -3.21 -14.16 29.05
CA ILE C 216 -1.98 -14.72 29.61
C ILE C 216 -2.38 -15.58 30.79
N PRO C 217 -2.06 -16.87 30.78
CA PRO C 217 -2.85 -17.76 31.61
C PRO C 217 -2.14 -17.99 32.92
N MET D 8 -1.83 -6.84 8.16
N MET D 8 -1.87 -6.79 8.26
CA MET D 8 -0.72 -7.46 8.89
CA MET D 8 -0.72 -7.50 8.85
C MET D 8 -1.23 -8.32 10.05
C MET D 8 -1.14 -8.26 10.10
N SER D 9 -0.55 -9.43 10.29
CA SER D 9 -0.87 -10.29 11.42
C SER D 9 0.43 -10.97 11.85
N MET D 10 0.63 -11.08 13.16
N MET D 10 0.66 -11.06 13.15
CA MET D 10 1.93 -11.51 13.67
CA MET D 10 1.95 -11.57 13.61
C MET D 10 1.77 -12.54 14.79
C MET D 10 1.81 -12.51 14.79
N VAL D 11 2.80 -13.39 14.90
CA VAL D 11 3.03 -14.22 16.08
C VAL D 11 4.41 -13.86 16.60
N VAL D 12 4.66 -14.26 17.84
CA VAL D 12 5.98 -14.13 18.47
C VAL D 12 6.45 -15.52 18.89
N SER D 13 7.77 -15.65 19.02
CA SER D 13 8.35 -16.93 19.41
C SER D 13 9.55 -16.69 20.31
N GLY D 14 9.56 -17.35 21.46
CA GLY D 14 10.66 -17.22 22.41
C GLY D 14 10.59 -16.05 23.35
N LEU D 15 9.44 -15.38 23.46
CA LEU D 15 9.29 -14.20 24.29
C LEU D 15 8.73 -14.56 25.66
N THR D 16 9.10 -13.78 26.65
CA THR D 16 8.50 -13.87 27.97
C THR D 16 7.10 -13.25 27.93
N PRO D 17 6.29 -13.47 28.97
CA PRO D 17 4.99 -12.78 29.03
C PRO D 17 5.10 -11.27 28.98
N GLU D 18 6.13 -10.69 29.62
CA GLU D 18 6.30 -9.25 29.59
C GLU D 18 6.65 -8.74 28.20
N GLU D 19 7.54 -9.44 27.49
CA GLU D 19 7.83 -9.03 26.13
C GLU D 19 6.60 -9.18 25.24
N PHE D 20 5.83 -10.26 25.44
CA PHE D 20 4.61 -10.48 24.67
C PHE D 20 3.63 -9.34 24.87
N MET D 21 3.48 -8.87 26.11
CA MET D 21 2.56 -7.78 26.37
C MET D 21 3.04 -6.48 25.70
N LEU D 22 4.35 -6.25 25.65
CA LEU D 22 4.87 -5.10 24.93
C LEU D 22 4.58 -5.22 23.43
N VAL D 23 4.77 -6.41 22.85
CA VAL D 23 4.40 -6.61 21.45
C VAL D 23 2.91 -6.32 21.23
N TYR D 24 2.05 -6.75 22.14
CA TYR D 24 0.62 -6.46 21.94
C TYR D 24 0.39 -4.95 21.85
N LYS D 25 1.05 -4.15 22.69
CA LYS D 25 0.90 -2.69 22.63
C LYS D 25 1.35 -2.15 21.28
N PHE D 26 2.51 -2.62 20.81
CA PHE D 26 3.01 -2.23 19.50
C PHE D 26 2.04 -2.64 18.42
N ALA D 27 1.50 -3.85 18.50
CA ALA D 27 0.60 -4.37 17.49
C ALA D 27 -0.68 -3.53 17.42
N ARG D 28 -1.27 -3.23 18.59
N ARG D 28 -1.24 -3.18 18.57
CA ARG D 28 -2.43 -2.36 18.64
CA ARG D 28 -2.46 -2.39 18.57
C ARG D 28 -2.16 -1.04 17.93
C ARG D 28 -2.23 -0.98 18.03
N LYS D 29 -1.07 -0.39 18.34
CA LYS D 29 -0.76 0.93 17.81
C LYS D 29 -0.71 0.92 16.29
N HIS D 30 -0.26 -0.18 15.69
CA HIS D 30 -0.04 -0.24 14.25
C HIS D 30 -1.07 -1.11 13.52
N HIS D 31 -2.18 -1.46 14.18
CA HIS D 31 -3.26 -2.20 13.54
C HIS D 31 -2.79 -3.53 12.97
N ILE D 32 -1.88 -4.18 13.70
CA ILE D 32 -1.41 -5.52 13.39
C ILE D 32 -2.09 -6.48 14.35
N THR D 33 -2.74 -7.51 13.82
CA THR D 33 -3.28 -8.54 14.69
C THR D 33 -2.16 -9.37 15.29
N LEU D 34 -2.29 -9.70 16.58
CA LEU D 34 -1.35 -10.55 17.30
C LEU D 34 -2.08 -11.83 17.71
N THR D 35 -1.57 -12.95 17.27
CA THR D 35 -2.17 -14.24 17.59
C THR D 35 -1.17 -15.11 18.35
N ASN D 36 -1.69 -16.12 19.05
CA ASN D 36 -0.80 -17.05 19.75
C ASN D 36 -0.24 -18.14 18.86
N LEU D 37 -0.98 -18.57 17.84
CA LEU D 37 -0.52 -19.60 16.91
C LEU D 37 -0.50 -19.06 15.49
N ILE D 38 0.36 -19.62 14.68
CA ILE D 38 0.54 -19.13 13.32
C ILE D 38 -0.57 -19.67 12.43
N THR D 39 -0.96 -18.86 11.45
CA THR D 39 -1.99 -19.23 10.48
C THR D 39 -1.48 -18.88 9.08
N GLU D 40 -2.23 -19.29 8.07
CA GLU D 40 -1.86 -18.89 6.72
C GLU D 40 -1.91 -17.37 6.56
N GLU D 41 -2.72 -16.68 7.36
N GLU D 41 -2.74 -16.70 7.36
CA GLU D 41 -2.83 -15.23 7.26
CA GLU D 41 -2.85 -15.24 7.28
C GLU D 41 -1.74 -14.49 8.02
C GLU D 41 -1.65 -14.52 7.88
N THR D 42 -0.87 -15.19 8.71
CA THR D 42 0.25 -14.52 9.39
C THR D 42 1.20 -13.92 8.36
N THR D 43 1.54 -12.65 8.56
CA THR D 43 2.55 -11.97 7.72
C THR D 43 3.92 -11.86 8.38
N HIS D 44 3.98 -11.91 9.71
CA HIS D 44 5.20 -11.62 10.45
C HIS D 44 5.37 -12.63 11.58
N VAL D 45 6.58 -13.17 11.70
CA VAL D 45 6.97 -13.98 12.84
C VAL D 45 8.10 -13.24 13.55
N VAL D 46 7.86 -12.85 14.79
CA VAL D 46 8.83 -12.08 15.57
C VAL D 46 9.56 -13.03 16.50
N MET D 47 10.84 -13.28 16.20
CA MET D 47 11.67 -14.21 16.94
C MET D 47 12.51 -13.50 17.98
N LYS D 48 12.59 -14.07 19.18
CA LYS D 48 13.67 -13.69 20.07
C LYS D 48 15.00 -14.06 19.42
N THR D 49 15.93 -13.12 19.44
CA THR D 49 17.26 -13.35 18.90
C THR D 49 18.31 -12.77 19.84
N ASP D 50 19.56 -13.12 19.57
CA ASP D 50 20.67 -12.37 20.14
C ASP D 50 20.87 -11.08 19.34
N ALA D 51 21.85 -10.28 19.76
CA ALA D 51 22.08 -9.00 19.12
C ALA D 51 22.60 -9.13 17.70
N GLU D 52 22.93 -10.35 17.26
CA GLU D 52 23.37 -10.63 15.90
C GLU D 52 22.26 -11.27 15.06
N PHE D 53 21.03 -11.22 15.54
CA PHE D 53 19.86 -11.68 14.79
C PHE D 53 19.90 -13.18 14.54
N VAL D 54 20.45 -13.95 15.48
CA VAL D 54 20.44 -15.40 15.46
C VAL D 54 19.40 -15.89 16.46
N CYS D 55 18.50 -16.76 16.01
CA CYS D 55 17.45 -17.31 16.88
C CYS D 55 17.67 -18.79 17.16
N GLU D 56 16.74 -19.37 17.93
CA GLU D 56 16.65 -20.81 18.05
C GLU D 56 15.47 -21.28 17.23
N ARG D 57 15.51 -22.55 16.85
CA ARG D 57 14.53 -23.09 15.91
C ARG D 57 13.29 -23.58 16.65
N THR D 58 12.19 -22.87 16.47
CA THR D 58 10.88 -23.27 16.96
C THR D 58 9.99 -23.60 15.77
N LEU D 59 8.83 -24.19 16.08
CA LEU D 59 7.86 -24.45 15.02
C LEU D 59 7.50 -23.17 14.28
N LYS D 60 7.28 -22.06 15.00
CA LYS D 60 6.92 -20.80 14.35
C LYS D 60 8.01 -20.33 13.39
N TYR D 61 9.28 -20.54 13.75
CA TYR D 61 10.38 -20.20 12.84
C TYR D 61 10.27 -20.98 11.54
N PHE D 62 10.14 -22.31 11.65
CA PHE D 62 10.04 -23.14 10.45
C PHE D 62 8.85 -22.76 9.59
N LEU D 63 7.68 -22.53 10.21
CA LEU D 63 6.48 -22.26 9.42
C LEU D 63 6.53 -20.87 8.78
N GLY D 64 7.17 -19.90 9.45
CA GLY D 64 7.33 -18.59 8.85
C GLY D 64 8.19 -18.62 7.60
N ILE D 65 9.32 -19.32 7.67
CA ILE D 65 10.18 -19.51 6.51
C ILE D 65 9.44 -20.28 5.43
N ALA D 66 8.79 -21.38 5.82
CA ALA D 66 8.14 -22.24 4.82
C ALA D 66 7.07 -21.46 4.06
N GLY D 67 6.44 -20.50 4.73
CA GLY D 67 5.45 -19.65 4.06
C GLY D 67 6.00 -18.43 3.38
N GLY D 68 7.31 -18.19 3.40
CA GLY D 68 7.90 -16.99 2.83
C GLY D 68 7.48 -15.70 3.52
N LYS D 69 7.24 -15.76 4.82
CA LYS D 69 6.77 -14.61 5.60
C LYS D 69 7.97 -13.78 6.07
N TRP D 70 7.67 -12.65 6.72
CA TRP D 70 8.69 -11.86 7.40
C TRP D 70 9.03 -12.56 8.71
N VAL D 71 10.27 -12.99 8.84
CA VAL D 71 10.79 -13.59 10.07
C VAL D 71 11.85 -12.62 10.58
N VAL D 72 11.50 -11.87 11.61
CA VAL D 72 12.26 -10.72 12.06
C VAL D 72 12.58 -10.85 13.54
N SER D 73 13.68 -10.22 13.94
CA SER D 73 14.06 -10.13 15.33
C SER D 73 13.07 -9.29 16.14
N TYR D 74 12.88 -9.71 17.40
CA TYR D 74 12.18 -8.87 18.38
C TYR D 74 12.77 -7.46 18.49
N PHE D 75 14.04 -7.28 18.14
CA PHE D 75 14.62 -5.93 18.08
C PHE D 75 13.88 -5.02 17.10
N TRP D 76 13.20 -5.56 16.08
CA TRP D 76 12.36 -4.73 15.22
C TRP D 76 11.32 -3.99 16.04
N VAL D 77 10.69 -4.69 16.97
CA VAL D 77 9.68 -4.08 17.84
C VAL D 77 10.31 -3.08 18.78
N THR D 78 11.34 -3.50 19.54
CA THR D 78 11.91 -2.60 20.54
C THR D 78 12.58 -1.38 19.91
N GLN D 79 13.25 -1.55 18.78
N GLN D 79 13.29 -1.57 18.80
CA GLN D 79 13.86 -0.38 18.16
CA GLN D 79 13.86 -0.42 18.10
C GLN D 79 12.83 0.50 17.45
C GLN D 79 12.76 0.50 17.60
N SER D 80 11.73 -0.08 16.96
CA SER D 80 10.64 0.73 16.42
C SER D 80 10.00 1.58 17.51
N ILE D 81 9.81 1.02 18.70
CA ILE D 81 9.31 1.80 19.83
C ILE D 81 10.27 2.93 20.17
N LYS D 82 11.57 2.62 20.23
CA LYS D 82 12.55 3.65 20.60
C LYS D 82 12.58 4.80 19.59
N GLU D 83 12.33 4.51 18.31
CA GLU D 83 12.36 5.54 17.26
C GLU D 83 10.99 6.11 16.93
N ARG D 84 9.93 5.64 17.58
N ARG D 84 9.94 5.61 17.57
CA ARG D 84 8.58 6.18 17.39
CA ARG D 84 8.57 6.13 17.42
C ARG D 84 8.10 6.03 15.95
C ARG D 84 8.07 5.99 15.98
N LYS D 85 8.44 4.91 15.32
CA LYS D 85 8.01 4.65 13.96
C LYS D 85 8.27 3.18 13.67
N MET D 86 7.43 2.60 12.81
N MET D 86 7.45 2.61 12.79
CA MET D 86 7.69 1.25 12.36
CA MET D 86 7.67 1.23 12.36
C MET D 86 8.91 1.25 11.44
C MET D 86 8.87 1.20 11.41
N LEU D 87 9.92 0.49 11.81
CA LEU D 87 11.13 0.43 11.02
C LEU D 87 10.99 -0.61 9.91
N ASN D 88 11.99 -0.63 9.02
CA ASN D 88 11.95 -1.46 7.83
C ASN D 88 12.34 -2.91 8.20
N GLU D 89 11.43 -3.85 7.94
CA GLU D 89 11.68 -5.25 8.24
C GLU D 89 13.00 -5.76 7.65
N HIS D 90 13.40 -5.24 6.48
CA HIS D 90 14.64 -5.70 5.87
C HIS D 90 15.81 -5.55 6.84
N ASP D 91 15.79 -4.51 7.68
CA ASP D 91 16.90 -4.20 8.57
C ASP D 91 16.90 -5.06 9.83
N PHE D 92 15.88 -5.91 10.03
CA PHE D 92 15.75 -6.72 11.23
C PHE D 92 15.49 -8.18 10.94
N GLU D 93 15.61 -8.58 9.68
CA GLU D 93 15.33 -9.95 9.29
C GLU D 93 16.29 -10.92 9.98
N VAL D 94 15.75 -12.03 10.47
CA VAL D 94 16.57 -13.04 11.12
C VAL D 94 17.63 -13.54 10.15
N ARG D 95 18.89 -13.61 10.63
CA ARG D 95 20.00 -13.98 9.77
C ARG D 95 20.30 -15.48 9.81
N GLY D 96 19.94 -16.15 10.89
CA GLY D 96 20.27 -17.56 11.02
C GLY D 96 19.83 -18.08 12.36
N ASP D 97 20.29 -19.29 12.68
CA ASP D 97 19.87 -19.93 13.91
C ASP D 97 21.02 -20.77 14.44
N VAL D 98 20.89 -21.18 15.71
CA VAL D 98 21.99 -21.84 16.39
C VAL D 98 22.29 -23.24 15.83
N VAL D 99 21.36 -23.84 15.07
CA VAL D 99 21.63 -25.17 14.50
C VAL D 99 22.28 -25.08 13.12
N ASN D 100 21.65 -24.36 12.20
CA ASN D 100 22.03 -24.38 10.79
C ASN D 100 23.03 -23.30 10.40
N GLY D 101 23.28 -22.33 11.27
CA GLY D 101 24.34 -21.36 11.05
C GLY D 101 23.87 -19.95 11.31
N ARG D 102 24.83 -19.07 11.67
CA ARG D 102 24.53 -17.73 12.13
C ARG D 102 24.16 -16.75 11.01
N ASN D 103 24.46 -17.06 9.75
CA ASN D 103 24.22 -16.11 8.66
C ASN D 103 23.82 -16.83 7.38
N HIS D 104 22.98 -17.85 7.49
CA HIS D 104 22.52 -18.55 6.29
C HIS D 104 21.46 -17.79 5.50
N GLN D 105 20.78 -16.84 6.12
CA GLN D 105 19.78 -16.01 5.47
C GLN D 105 18.66 -16.82 4.83
N GLY D 106 18.32 -17.94 5.45
CA GLY D 106 17.17 -18.73 5.04
C GLY D 106 15.88 -17.95 4.92
N PRO D 107 15.57 -17.13 5.94
CA PRO D 107 14.34 -16.33 5.86
C PRO D 107 14.27 -15.46 4.59
N LYS D 108 15.34 -14.72 4.29
N LYS D 108 15.34 -14.72 4.28
CA LYS D 108 15.35 -13.89 3.09
CA LYS D 108 15.34 -13.94 3.06
C LYS D 108 15.24 -14.75 1.84
C LYS D 108 15.25 -14.83 1.83
N ARG D 109 15.98 -15.86 1.79
N ARG D 109 16.03 -15.91 1.81
CA ARG D 109 15.91 -16.71 0.61
CA ARG D 109 15.98 -16.84 0.69
C ARG D 109 14.49 -17.23 0.39
C ARG D 109 14.55 -17.28 0.41
N ALA D 110 13.84 -17.67 1.47
CA ALA D 110 12.47 -18.15 1.31
C ALA D 110 11.54 -17.04 0.82
N ARG D 111 11.71 -15.84 1.36
CA ARG D 111 10.87 -14.73 0.94
C ARG D 111 10.97 -14.50 -0.56
N GLU D 112 12.17 -14.69 -1.11
CA GLU D 112 12.47 -14.36 -2.50
C GLU D 112 12.35 -15.56 -3.43
N SER D 113 12.06 -16.76 -2.91
CA SER D 113 12.17 -17.98 -3.69
C SER D 113 10.87 -18.77 -3.80
N GLN D 114 9.71 -18.12 -3.57
CA GLN D 114 8.46 -18.86 -3.57
C GLN D 114 8.02 -19.33 -4.97
N ASP D 115 8.69 -18.87 -6.02
N ASP D 115 8.69 -18.88 -6.04
CA ASP D 115 8.47 -19.39 -7.37
CA ASP D 115 8.43 -19.45 -7.36
C ASP D 115 9.19 -20.70 -7.64
C ASP D 115 9.08 -20.81 -7.55
N ARG D 116 10.03 -21.18 -6.69
CA ARG D 116 10.78 -22.44 -6.82
C ARG D 116 10.82 -23.07 -5.42
N LYS D 117 9.72 -23.66 -4.99
CA LYS D 117 9.63 -24.14 -3.62
C LYS D 117 10.55 -25.35 -3.42
N ILE D 118 11.11 -25.46 -2.22
CA ILE D 118 12.22 -26.39 -2.04
C ILE D 118 11.79 -27.85 -2.19
N PHE D 119 10.55 -28.19 -1.85
CA PHE D 119 10.08 -29.57 -1.95
C PHE D 119 9.12 -29.76 -3.11
N ARG D 120 9.20 -28.90 -4.12
CA ARG D 120 8.36 -29.08 -5.29
C ARG D 120 8.64 -30.44 -5.92
N GLY D 121 7.58 -31.09 -6.40
CA GLY D 121 7.73 -32.38 -7.03
C GLY D 121 7.98 -33.54 -6.11
N LEU D 122 7.81 -33.35 -4.80
CA LEU D 122 7.98 -34.40 -3.81
C LEU D 122 6.64 -34.76 -3.16
N GLU D 123 6.51 -36.02 -2.78
CA GLU D 123 5.38 -36.55 -2.03
C GLU D 123 5.97 -37.16 -0.77
N ILE D 124 5.58 -36.66 0.40
CA ILE D 124 6.18 -37.01 1.66
C ILE D 124 5.18 -37.74 2.56
N CYS D 125 5.64 -38.82 3.19
CA CYS D 125 4.89 -39.47 4.27
C CYS D 125 5.63 -39.25 5.58
N CYS D 126 5.02 -38.48 6.48
CA CYS D 126 5.51 -38.27 7.84
C CYS D 126 5.00 -39.47 8.64
N TYR D 127 5.88 -40.46 8.82
CA TYR D 127 5.50 -41.80 9.22
C TYR D 127 5.92 -42.11 10.66
N GLY D 128 5.01 -42.70 11.42
CA GLY D 128 5.29 -43.10 12.79
C GLY D 128 5.18 -41.96 13.77
N PRO D 129 5.58 -42.21 15.01
CA PRO D 129 5.42 -41.21 16.07
C PRO D 129 6.44 -40.07 15.96
N PHE D 130 6.01 -38.91 16.44
CA PHE D 130 6.87 -37.73 16.56
C PHE D 130 6.70 -37.15 17.94
N THR D 131 7.68 -36.37 18.38
CA THR D 131 7.51 -35.57 19.59
C THR D 131 7.74 -34.08 19.32
N ASN D 132 7.13 -33.27 20.16
CA ASN D 132 7.35 -31.82 20.23
C ASN D 132 6.80 -31.02 19.05
N MET D 133 6.54 -31.66 17.92
CA MET D 133 5.99 -30.98 16.74
C MET D 133 4.89 -31.88 16.25
N PRO D 134 3.63 -31.47 16.35
CA PRO D 134 2.54 -32.34 15.89
C PRO D 134 2.71 -32.73 14.44
N THR D 135 2.32 -33.97 14.13
CA THR D 135 2.49 -34.47 12.77
C THR D 135 1.80 -33.58 11.74
N ASP D 136 0.61 -33.07 12.05
CA ASP D 136 -0.10 -32.23 11.09
C ASP D 136 0.64 -30.93 10.83
N GLN D 137 1.46 -30.48 11.78
CA GLN D 137 2.26 -29.27 11.60
C GLN D 137 3.50 -29.53 10.77
N LEU D 138 4.15 -30.68 10.93
CA LEU D 138 5.21 -31.10 10.00
C LEU D 138 4.65 -31.29 8.59
N GLU D 139 3.45 -31.86 8.48
CA GLU D 139 2.80 -31.97 7.18
C GLU D 139 2.53 -30.60 6.57
N TRP D 140 2.00 -29.66 7.37
CA TRP D 140 1.74 -28.32 6.84
C TRP D 140 3.03 -27.69 6.35
N MET D 141 4.11 -27.83 7.14
CA MET D 141 5.41 -27.27 6.77
C MET D 141 5.86 -27.76 5.39
N VAL D 142 5.79 -29.07 5.14
CA VAL D 142 6.26 -29.58 3.85
C VAL D 142 5.33 -29.18 2.72
N GLN D 143 4.02 -29.11 2.98
CA GLN D 143 3.07 -28.65 1.96
C GLN D 143 3.31 -27.18 1.60
N LEU D 144 3.58 -26.34 2.59
CA LEU D 144 3.92 -24.95 2.30
C LEU D 144 5.12 -24.86 1.36
N CYS D 145 6.05 -25.80 1.48
CA CYS D 145 7.24 -25.90 0.64
C CYS D 145 7.03 -26.69 -0.65
N GLY D 146 5.78 -26.99 -1.01
CA GLY D 146 5.52 -27.52 -2.33
C GLY D 146 5.29 -29.01 -2.38
N ALA D 147 5.45 -29.72 -1.28
CA ALA D 147 5.26 -31.16 -1.28
C ALA D 147 3.80 -31.53 -1.12
N SER D 148 3.45 -32.69 -1.65
N SER D 148 3.42 -32.69 -1.64
CA SER D 148 2.19 -33.35 -1.34
CA SER D 148 2.14 -33.30 -1.32
C SER D 148 2.44 -34.26 -0.14
C SER D 148 2.38 -34.31 -0.21
N VAL D 149 1.39 -34.53 0.64
CA VAL D 149 1.52 -35.37 1.82
C VAL D 149 0.65 -36.61 1.65
N VAL D 150 1.16 -37.77 2.08
CA VAL D 150 0.39 -39.00 2.12
C VAL D 150 0.45 -39.55 3.54
N LYS D 151 -0.64 -40.20 3.96
CA LYS D 151 -0.74 -40.67 5.32
C LYS D 151 -0.19 -42.07 5.51
N GLU D 152 -0.24 -42.90 4.49
CA GLU D 152 0.13 -44.31 4.58
C GLU D 152 1.16 -44.62 3.50
N LEU D 153 2.07 -45.55 3.80
CA LEU D 153 3.08 -45.92 2.80
C LEU D 153 2.44 -46.46 1.55
N SER D 154 1.33 -47.17 1.67
CA SER D 154 0.65 -47.73 0.51
C SER D 154 0.03 -46.67 -0.38
N SER D 155 -0.03 -45.41 0.05
CA SER D 155 -0.69 -44.33 -0.67
C SER D 155 0.26 -43.52 -1.54
N PHE D 156 1.55 -43.86 -1.57
CA PHE D 156 2.47 -43.17 -2.47
C PHE D 156 2.05 -43.38 -3.92
N THR D 157 2.27 -42.34 -4.71
CA THR D 157 2.13 -42.40 -6.15
C THR D 157 3.31 -43.17 -6.73
N LEU D 158 3.06 -43.93 -7.78
CA LEU D 158 4.14 -44.51 -8.58
C LEU D 158 4.04 -43.83 -9.95
N GLY D 159 4.82 -42.77 -10.13
CA GLY D 159 4.61 -41.93 -11.28
C GLY D 159 5.87 -41.18 -11.67
N THR D 160 5.78 -40.52 -12.81
CA THR D 160 6.89 -39.76 -13.32
C THR D 160 6.84 -38.28 -12.96
N GLY D 161 5.76 -37.85 -12.29
CA GLY D 161 5.58 -36.42 -11.98
C GLY D 161 5.82 -36.05 -10.52
N VAL D 162 6.22 -37.01 -9.69
CA VAL D 162 6.50 -36.75 -8.28
C VAL D 162 7.41 -37.87 -7.80
N HIS D 163 8.17 -37.61 -6.74
CA HIS D 163 9.09 -38.56 -6.15
C HIS D 163 8.78 -38.71 -4.67
N PRO D 164 8.80 -39.93 -4.13
CA PRO D 164 8.39 -40.15 -2.74
C PRO D 164 9.54 -40.11 -1.76
N ILE D 165 9.22 -39.65 -0.55
CA ILE D 165 10.16 -39.65 0.58
C ILE D 165 9.38 -40.00 1.83
N VAL D 166 9.95 -40.87 2.66
CA VAL D 166 9.43 -41.14 4.00
C VAL D 166 10.27 -40.38 5.02
N VAL D 167 9.60 -39.67 5.94
CA VAL D 167 10.25 -38.90 7.01
C VAL D 167 9.87 -39.52 8.34
N VAL D 168 10.88 -39.80 9.17
CA VAL D 168 10.72 -40.53 10.42
C VAL D 168 11.56 -39.82 11.48
N GLN D 169 11.12 -39.91 12.74
CA GLN D 169 11.88 -39.43 13.90
C GLN D 169 12.26 -40.66 14.71
N PRO D 170 13.43 -41.26 14.49
CA PRO D 170 13.69 -42.56 15.13
C PRO D 170 13.63 -42.55 16.65
N ASP D 171 14.06 -41.48 17.32
CA ASP D 171 14.07 -41.52 18.76
C ASP D 171 12.67 -41.38 19.36
N ALA D 172 11.66 -41.13 18.54
CA ALA D 172 10.28 -41.14 19.00
C ALA D 172 9.68 -42.53 19.02
N TRP D 173 10.37 -43.49 18.41
CA TRP D 173 9.93 -44.87 18.46
C TRP D 173 10.46 -45.46 19.76
N THR D 174 9.70 -46.35 20.35
CA THR D 174 10.08 -46.88 21.64
C THR D 174 10.18 -48.38 21.49
N GLU D 175 11.38 -48.91 21.72
CA GLU D 175 11.64 -50.34 21.69
C GLU D 175 10.89 -50.98 20.52
N ASP D 176 10.99 -50.33 19.37
CA ASP D 176 10.36 -50.81 18.15
C ASP D 176 11.29 -50.45 17.01
N ASN D 177 11.89 -51.47 16.37
CA ASN D 177 12.85 -51.31 15.28
C ASN D 177 12.19 -51.13 13.92
N GLY D 178 10.88 -50.94 13.87
CA GLY D 178 10.16 -50.98 12.61
C GLY D 178 10.55 -49.90 11.62
N PHE D 179 11.20 -48.83 12.08
CA PHE D 179 11.62 -47.80 11.15
C PHE D 179 12.76 -48.27 10.25
N HIS D 180 13.36 -49.42 10.57
CA HIS D 180 14.33 -50.06 9.69
C HIS D 180 13.68 -51.01 8.69
N ALA D 181 12.36 -51.23 8.77
CA ALA D 181 11.66 -52.19 7.94
C ALA D 181 10.78 -51.53 6.88
N ILE D 182 10.85 -50.22 6.78
CA ILE D 182 10.00 -49.49 5.83
C ILE D 182 10.31 -49.89 4.40
N GLY D 183 11.59 -50.11 4.08
CA GLY D 183 11.98 -50.48 2.74
C GLY D 183 11.39 -51.80 2.28
N GLN D 184 10.94 -52.63 3.22
CA GLN D 184 10.28 -53.87 2.82
C GLN D 184 8.90 -53.61 2.25
N MET D 185 8.34 -52.43 2.50
CA MET D 185 6.96 -52.10 2.16
C MET D 185 6.81 -51.02 1.10
N CYS D 186 7.86 -50.27 0.78
CA CYS D 186 7.75 -49.25 -0.27
C CYS D 186 9.14 -48.96 -0.83
N GLU D 187 9.16 -48.24 -1.95
CA GLU D 187 10.40 -47.97 -2.67
C GLU D 187 11.07 -46.66 -2.26
N ALA D 188 10.51 -45.96 -1.34
CA ALA D 188 10.91 -44.58 -1.12
C ALA D 188 12.13 -44.51 -0.21
N PRO D 189 13.02 -43.55 -0.44
CA PRO D 189 14.06 -43.30 0.56
C PRO D 189 13.45 -42.87 1.87
N VAL D 190 14.12 -43.25 2.96
CA VAL D 190 13.67 -43.01 4.32
C VAL D 190 14.70 -42.14 4.98
N VAL D 191 14.27 -40.97 5.46
CA VAL D 191 15.17 -40.00 6.07
C VAL D 191 14.63 -39.57 7.43
N THR D 192 15.54 -39.02 8.24
CA THR D 192 15.15 -38.47 9.52
C THR D 192 14.47 -37.12 9.34
N ARG D 193 13.73 -36.72 10.38
CA ARG D 193 13.04 -35.44 10.36
C ARG D 193 14.01 -34.26 10.20
N GLU D 194 15.26 -34.42 10.65
CA GLU D 194 16.29 -33.39 10.46
C GLU D 194 16.44 -33.00 8.99
N TRP D 195 16.19 -33.93 8.05
CA TRP D 195 16.27 -33.56 6.65
C TRP D 195 15.27 -32.44 6.33
N VAL D 196 14.04 -32.58 6.82
CA VAL D 196 13.05 -31.52 6.59
C VAL D 196 13.48 -30.24 7.30
N LEU D 197 13.81 -30.36 8.59
CA LEU D 197 14.05 -29.16 9.37
C LEU D 197 15.25 -28.37 8.87
N ASP D 198 16.37 -29.05 8.57
CA ASP D 198 17.53 -28.34 8.05
C ASP D 198 17.21 -27.69 6.70
N SER D 199 16.49 -28.42 5.83
CA SER D 199 16.17 -27.88 4.51
C SER D 199 15.31 -26.63 4.62
N VAL D 200 14.32 -26.65 5.50
CA VAL D 200 13.42 -25.51 5.65
C VAL D 200 14.18 -24.32 6.22
N ALA D 201 14.91 -24.53 7.32
CA ALA D 201 15.64 -23.42 7.95
C ALA D 201 16.57 -22.72 6.97
N LEU D 202 17.28 -23.50 6.17
CA LEU D 202 18.18 -22.96 5.16
C LEU D 202 17.47 -22.47 3.92
N TYR D 203 16.21 -22.85 3.77
CA TYR D 203 15.47 -22.77 2.50
C TYR D 203 16.32 -23.28 1.34
N GLN D 204 16.92 -24.45 1.56
CA GLN D 204 17.72 -25.15 0.57
C GLN D 204 17.47 -26.64 0.75
N CYS D 205 16.92 -27.28 -0.28
CA CYS D 205 16.69 -28.71 -0.20
C CYS D 205 18.01 -29.45 -0.05
N GLN D 206 18.16 -30.19 1.05
CA GLN D 206 19.42 -30.88 1.29
C GLN D 206 19.45 -32.21 0.55
N GLU D 207 20.66 -32.64 0.23
CA GLU D 207 20.85 -34.02 -0.19
C GLU D 207 20.40 -34.98 0.91
N LEU D 208 19.85 -36.13 0.49
CA LEU D 208 19.29 -37.07 1.46
C LEU D 208 20.36 -37.85 2.22
N ASP D 209 21.55 -37.98 1.64
CA ASP D 209 22.52 -38.99 2.03
C ASP D 209 22.76 -39.07 3.54
N THR D 210 23.15 -37.95 4.18
CA THR D 210 23.51 -38.04 5.59
C THR D 210 22.30 -38.26 6.50
N TYR D 211 21.10 -38.12 5.98
CA TYR D 211 19.89 -38.30 6.76
C TYR D 211 19.24 -39.65 6.55
N LEU D 212 19.79 -40.48 5.66
CA LEU D 212 19.13 -41.75 5.37
C LEU D 212 19.12 -42.64 6.60
N ILE D 213 18.00 -43.34 6.79
CA ILE D 213 17.85 -44.34 7.84
C ILE D 213 18.07 -45.70 7.20
N PRO D 214 19.10 -46.45 7.59
CA PRO D 214 19.39 -47.72 6.90
C PRO D 214 18.22 -48.68 7.00
N GLN D 215 17.89 -49.28 5.88
CA GLN D 215 16.79 -50.22 5.78
C GLN D 215 17.35 -51.64 5.71
N ILE D 216 16.71 -52.54 6.44
CA ILE D 216 17.13 -53.92 6.54
C ILE D 216 16.17 -54.77 5.74
N PRO D 217 16.65 -55.62 4.83
CA PRO D 217 15.73 -56.44 4.04
C PRO D 217 14.95 -57.43 4.89
N PRO E 2 26.85 5.08 3.84
CA PRO E 2 25.60 4.32 4.01
C PRO E 2 24.94 3.97 2.67
N GLY E 3 25.15 4.79 1.66
CA GLY E 3 24.69 4.54 0.30
C GLY E 3 23.19 4.35 0.20
N SER E 4 22.78 3.46 -0.70
CA SER E 4 21.38 3.12 -0.91
C SER E 4 21.16 1.63 -0.66
N ARG E 5 19.91 1.20 -0.78
CA ARG E 5 19.58 -0.21 -0.62
C ARG E 5 19.79 -0.96 -1.94
N PRO E 7 21.10 -3.24 -4.70
CA PRO E 7 22.15 -4.25 -4.85
C PRO E 7 23.25 -3.82 -5.82
N LYS E 8 24.47 -4.23 -5.50
CA LYS E 8 25.62 -4.09 -6.36
C LYS E 8 26.01 -5.46 -6.90
N PHE E 9 26.58 -5.46 -8.09
CA PHE E 9 26.95 -6.68 -8.82
C PHE E 9 28.47 -6.69 -8.91
N LYS E 10 29.07 -7.46 -8.01
CA LYS E 10 30.52 -7.56 -7.88
C LYS E 10 31.04 -8.62 -8.84
N SER E 11 32.36 -8.74 -8.93
CA SER E 11 32.95 -9.55 -10.00
C SER E 11 32.65 -11.04 -9.89
N PRO F 2 -2.13 43.12 -13.84
CA PRO F 2 -2.30 43.45 -12.42
C PRO F 2 -3.77 43.71 -12.07
N GLY F 3 -4.66 42.88 -12.62
CA GLY F 3 -6.08 43.14 -12.48
C GLY F 3 -6.56 43.24 -11.05
N SER F 4 -6.65 42.10 -10.37
CA SER F 4 -7.16 42.03 -9.01
C SER F 4 -6.10 41.39 -8.12
N ARG F 5 -6.43 41.27 -6.83
CA ARG F 5 -5.54 40.63 -5.86
C ARG F 5 -5.74 39.12 -5.69
N PRO F 7 -5.14 35.36 -5.97
CA PRO F 7 -3.96 34.57 -6.35
C PRO F 7 -4.09 33.90 -7.70
N LYS F 8 -2.96 33.85 -8.39
CA LYS F 8 -2.83 33.17 -9.67
C LYS F 8 -1.97 31.92 -9.48
N PHE F 9 -2.29 30.88 -10.23
CA PHE F 9 -1.59 29.60 -10.15
C PHE F 9 -0.80 29.44 -11.43
N LYS F 10 0.50 29.77 -11.34
CA LYS F 10 1.30 30.10 -12.51
C LYS F 10 2.26 29.02 -12.92
N SER F 11 2.17 27.83 -12.37
CA SER F 11 3.01 26.74 -12.87
C SER F 11 2.40 25.37 -12.67
N PRO G 2 -13.91 24.03 14.34
CA PRO G 2 -14.88 23.38 13.45
C PRO G 2 -15.53 22.18 14.09
N GLY G 3 -16.57 21.66 13.45
CA GLY G 3 -17.28 20.52 13.99
C GLY G 3 -17.94 20.82 15.32
N SER G 4 -18.09 19.78 16.13
CA SER G 4 -18.72 19.85 17.44
C SER G 4 -17.78 19.27 18.49
N ARG G 5 -18.24 19.26 19.74
CA ARG G 5 -17.46 18.67 20.84
C ARG G 5 -17.66 17.16 21.00
N PRO G 7 -17.14 13.36 20.87
CA PRO G 7 -16.00 12.54 20.51
C PRO G 7 -16.22 11.75 19.23
N LYS G 8 -15.14 11.56 18.49
CA LYS G 8 -15.10 10.72 17.32
C LYS G 8 -14.38 9.40 17.65
N PHE G 9 -14.76 8.34 16.97
CA PHE G 9 -14.21 7.01 17.22
C PHE G 9 -13.47 6.61 15.96
N LYS G 10 -12.15 6.82 15.98
CA LYS G 10 -11.29 6.73 14.82
C LYS G 10 -10.60 5.38 14.67
N SER G 11 -10.81 4.46 15.62
CA SER G 11 -10.10 3.17 15.70
C SER G 11 -8.63 3.34 16.08
N PRO H 2 12.76 -15.82 31.13
CA PRO H 2 13.55 -17.00 30.76
C PRO H 2 13.04 -17.64 29.46
N GLY H 3 12.55 -16.81 28.54
CA GLY H 3 12.07 -17.30 27.26
C GLY H 3 10.62 -17.77 27.35
N SER H 4 10.28 -18.71 26.47
CA SER H 4 8.94 -19.28 26.42
C SER H 4 9.04 -20.80 26.49
N ARG H 5 7.87 -21.43 26.63
CA ARG H 5 7.79 -22.88 26.67
C ARG H 5 7.67 -23.52 25.29
N PRO H 7 8.58 -25.50 22.21
CA PRO H 7 9.70 -26.41 21.99
C PRO H 7 10.73 -25.87 20.99
N LYS H 8 11.99 -26.19 21.23
CA LYS H 8 13.10 -25.86 20.35
C LYS H 8 13.63 -27.14 19.72
N PHE H 9 14.11 -27.02 18.50
CA PHE H 9 14.59 -28.17 17.72
C PHE H 9 16.09 -27.98 17.55
N LYS H 10 16.85 -28.71 18.37
CA LYS H 10 18.21 -28.35 18.71
C LYS H 10 19.28 -29.17 18.02
N SER H 11 18.96 -30.03 17.08
CA SER H 11 20.03 -30.74 16.33
C SER H 11 19.60 -31.20 14.94
#